data_4TXZ
#
_entry.id   4TXZ
#
_cell.length_a   70.041
_cell.length_b   59.373
_cell.length_c   103.498
_cell.angle_alpha   90.00
_cell.angle_beta   96.04
_cell.angle_gamma   90.00
#
_symmetry.space_group_name_H-M   'P 1 21 1'
#
loop_
_entity.id
_entity.type
_entity.pdbx_description
1 polymer 'Cyclic AMP-GMP synthase'
2 non-polymer 'MAGNESIUM ION'
3 non-polymer 'PHOSPHOMETHYLPHOSPHONIC ACID GUANYLATE ESTER'
4 water water
#
_entity_poly.entity_id   1
_entity_poly.type   'polypeptide(L)'
_entity_poly.pdbx_seq_one_letter_code
;GSMTWNFHQYYTNRNDGLMGKLVLTDEEKNNLKALRKIIRLRTRDVFEEAKGIAKAVKKSALTFEIIQEKVSTTQIKHLS
DSEQREVAKLIYEMDDDARDEFLGLTPRFWTQGSFQYDTLNRPFQPGQEMDIDDGTYMPMPIFESEPKIGHSLLILLVDA
SLKSLVAENHGWKFEAKQTCGRIKIEAEKTHIDVPMYAIPKDEFQKKQIALEANRSFVKGAIFESYVADSITDDSETYEL
DSENVNLALREGDRKWINSDPKIVEDWFNDSCIRIGKHLRKVCRFMKAWRDAQWDVGGPSSISLMAATVNILDSVAHDAS
DLGETMKIIAKHLPSEFARGVESPDSTDEKPLFPPSYKHGPREMDIMSKLERLPEILSSAESADSKSEALKKINMAFGNR
VTNSELIVLAKAL
;
_entity_poly.pdbx_strand_id   A,B
#
loop_
_chem_comp.id
_chem_comp.type
_chem_comp.name
_chem_comp.formula
G2P non-polymer 'PHOSPHOMETHYLPHOSPHONIC ACID GUANYLATE ESTER' 'C11 H18 N5 O13 P3'
MG non-polymer 'MAGNESIUM ION' 'Mg 2'
#
# COMPACT_ATOMS: atom_id res chain seq x y z
N THR A 4 39.09 0.57 43.73
CA THR A 4 37.89 -0.04 43.16
C THR A 4 37.09 0.97 42.36
N TRP A 5 36.78 0.62 41.11
CA TRP A 5 36.14 1.54 40.18
C TRP A 5 34.70 1.17 39.84
N ASN A 6 33.93 2.18 39.45
CA ASN A 6 32.56 1.99 38.98
C ASN A 6 32.48 2.22 37.49
N PHE A 7 31.84 1.30 36.77
CA PHE A 7 31.86 1.35 35.31
C PHE A 7 30.47 1.60 34.71
N HIS A 8 29.57 2.16 35.51
CA HIS A 8 28.19 2.33 35.06
C HIS A 8 28.06 3.31 33.89
N GLN A 9 28.64 4.49 34.03
CA GLN A 9 28.57 5.48 32.96
C GLN A 9 29.32 5.00 31.71
N TYR A 10 30.36 4.19 31.94
CA TYR A 10 31.13 3.62 30.83
C TYR A 10 30.21 2.80 29.93
N TYR A 11 29.24 2.13 30.55
CA TYR A 11 28.30 1.30 29.82
C TYR A 11 27.12 2.11 29.27
N THR A 12 26.53 2.92 30.13
CA THR A 12 25.20 3.49 29.86
C THR A 12 25.17 4.86 29.20
N ASN A 13 26.27 5.61 29.24
CA ASN A 13 26.31 6.93 28.62
C ASN A 13 25.90 6.89 27.14
N ARG A 14 24.88 7.65 26.79
CA ARG A 14 24.31 7.59 25.44
C ARG A 14 25.13 8.38 24.42
N ASN A 15 26.15 9.09 24.90
CA ASN A 15 27.02 9.85 24.02
C ASN A 15 28.40 9.23 23.87
N ASP A 16 29.08 9.04 24.98
CA ASP A 16 30.46 8.54 24.98
C ASP A 16 30.57 7.09 25.44
N GLY A 17 29.57 6.64 26.19
CA GLY A 17 29.57 5.29 26.72
C GLY A 17 29.37 4.23 25.67
N LEU A 18 29.36 2.96 26.09
CA LEU A 18 29.24 1.84 25.18
C LEU A 18 27.91 1.88 24.44
N MET A 19 26.84 2.24 25.15
CA MET A 19 25.52 2.38 24.55
C MET A 19 25.52 3.43 23.45
N GLY A 20 26.26 4.51 23.67
CA GLY A 20 26.39 5.56 22.68
C GLY A 20 27.10 5.10 21.43
N LYS A 21 27.97 4.11 21.60
CA LYS A 21 28.77 3.58 20.49
C LYS A 21 28.05 2.45 19.77
N LEU A 22 27.11 1.81 20.45
CA LEU A 22 26.42 0.65 19.90
C LEU A 22 25.12 0.99 19.19
N VAL A 23 24.34 1.89 19.79
CA VAL A 23 23.05 2.28 19.24
C VAL A 23 23.24 3.07 17.95
N LEU A 24 22.37 2.84 16.98
CA LEU A 24 22.44 3.56 15.71
C LEU A 24 21.75 4.91 15.83
N THR A 25 22.15 5.85 14.98
CA THR A 25 21.52 7.15 14.95
C THR A 25 20.19 7.01 14.23
N ASP A 26 19.30 7.96 14.44
CA ASP A 26 18.00 7.96 13.75
C ASP A 26 18.20 7.89 12.23
N GLU A 27 19.35 8.37 11.75
CA GLU A 27 19.65 8.37 10.33
C GLU A 27 19.78 6.94 9.82
N GLU A 28 20.73 6.21 10.39
CA GLU A 28 20.97 4.81 10.02
C GLU A 28 19.72 3.96 10.18
N LYS A 29 19.01 4.14 11.29
CA LYS A 29 17.75 3.44 11.51
C LYS A 29 16.81 3.67 10.33
N ASN A 30 16.71 4.93 9.92
CA ASN A 30 15.81 5.28 8.82
C ASN A 30 16.33 4.77 7.48
N ASN A 31 17.63 4.52 7.40
CA ASN A 31 18.23 4.03 6.17
C ASN A 31 17.92 2.55 6.03
N LEU A 32 17.75 1.90 7.18
CA LEU A 32 17.43 0.48 7.18
C LEU A 32 15.95 0.30 6.92
N LYS A 33 15.14 1.23 7.45
CA LYS A 33 13.72 1.16 7.18
C LYS A 33 13.46 1.48 5.70
N ALA A 34 14.32 2.32 5.13
CA ALA A 34 14.18 2.67 3.72
C ALA A 34 14.53 1.46 2.85
N LEU A 35 15.62 0.78 3.21
CA LEU A 35 16.03 -0.40 2.47
C LEU A 35 14.95 -1.49 2.55
N ARG A 36 14.38 -1.65 3.74
CA ARG A 36 13.35 -2.66 3.95
C ARG A 36 12.10 -2.34 3.12
N LYS A 37 11.75 -1.06 3.06
CA LYS A 37 10.58 -0.65 2.31
C LYS A 37 10.79 -0.90 0.83
N ILE A 38 12.03 -0.71 0.39
CA ILE A 38 12.38 -0.97 -1.01
C ILE A 38 12.18 -2.46 -1.32
N ILE A 39 12.72 -3.32 -0.47
CA ILE A 39 12.60 -4.76 -0.67
C ILE A 39 11.12 -5.18 -0.72
N ARG A 40 10.31 -4.63 0.18
CA ARG A 40 8.90 -4.99 0.23
C ARG A 40 8.16 -4.56 -1.05
N LEU A 41 8.39 -3.32 -1.47
CA LEU A 41 7.74 -2.80 -2.67
C LEU A 41 8.09 -3.66 -3.89
N ARG A 42 9.35 -4.05 -3.98
CA ARG A 42 9.79 -4.85 -5.12
C ARG A 42 9.15 -6.23 -5.11
N THR A 43 9.14 -6.87 -3.94
CA THR A 43 8.51 -8.18 -3.82
C THR A 43 7.06 -8.14 -4.27
N ARG A 44 6.32 -7.15 -3.78
CA ARG A 44 4.90 -7.06 -4.14
C ARG A 44 4.71 -6.77 -5.63
N ASP A 45 5.62 -5.99 -6.22
CA ASP A 45 5.51 -5.71 -7.65
C ASP A 45 5.76 -6.96 -8.50
N VAL A 46 6.76 -7.75 -8.10
CA VAL A 46 7.09 -8.95 -8.86
C VAL A 46 5.93 -9.94 -8.77
N PHE A 47 5.34 -10.03 -7.58
CA PHE A 47 4.20 -10.91 -7.40
C PHE A 47 3.00 -10.45 -8.22
N GLU A 48 2.83 -9.13 -8.34
CA GLU A 48 1.74 -8.61 -9.15
C GLU A 48 1.97 -8.86 -10.64
N GLU A 49 3.23 -8.90 -11.05
CA GLU A 49 3.52 -9.18 -12.45
C GLU A 49 3.27 -10.64 -12.79
N ALA A 50 3.70 -11.53 -11.89
CA ALA A 50 3.50 -12.96 -12.11
C ALA A 50 2.01 -13.29 -12.08
N LYS A 51 1.29 -12.66 -11.16
CA LYS A 51 -0.16 -12.84 -11.06
C LYS A 51 -0.83 -12.25 -12.29
N GLY A 52 -0.20 -11.22 -12.87
CA GLY A 52 -0.70 -10.60 -14.08
C GLY A 52 -0.62 -11.59 -15.23
N ILE A 53 0.47 -12.37 -15.25
CA ILE A 53 0.64 -13.40 -16.27
C ILE A 53 -0.37 -14.53 -16.07
N ALA A 54 -0.46 -15.03 -14.84
CA ALA A 54 -1.35 -16.14 -14.53
C ALA A 54 -2.82 -15.79 -14.79
N LYS A 55 -3.17 -14.52 -14.63
CA LYS A 55 -4.53 -14.10 -14.95
C LYS A 55 -4.78 -14.15 -16.45
N ALA A 56 -3.72 -13.98 -17.23
CA ALA A 56 -3.86 -14.07 -18.68
C ALA A 56 -3.97 -15.54 -19.06
N VAL A 57 -3.32 -16.39 -18.28
CA VAL A 57 -3.43 -17.83 -18.50
C VAL A 57 -4.85 -18.30 -18.22
N LYS A 58 -5.42 -17.83 -17.12
CA LYS A 58 -6.80 -18.17 -16.77
C LYS A 58 -7.80 -17.61 -17.77
N LYS A 59 -7.54 -16.40 -18.26
CA LYS A 59 -8.50 -15.71 -19.12
C LYS A 59 -8.57 -16.35 -20.51
N SER A 60 -7.55 -17.15 -20.85
CA SER A 60 -7.48 -17.83 -22.14
C SER A 60 -6.25 -18.73 -22.22
N ALA A 61 -6.38 -19.82 -22.99
CA ALA A 61 -5.29 -20.76 -23.16
C ALA A 61 -4.12 -20.07 -23.84
N LEU A 62 -3.00 -20.06 -23.13
CA LEU A 62 -1.80 -19.40 -23.62
C LEU A 62 -0.73 -20.47 -23.73
N THR A 63 -0.08 -20.57 -24.89
CA THR A 63 0.96 -21.57 -25.04
C THR A 63 2.09 -21.28 -24.05
N PHE A 64 2.92 -22.29 -23.78
CA PHE A 64 4.00 -22.17 -22.82
C PHE A 64 5.05 -21.18 -23.30
N GLU A 65 5.13 -21.04 -24.61
CA GLU A 65 6.04 -20.09 -25.23
C GLU A 65 5.62 -18.66 -24.96
N ILE A 66 4.32 -18.41 -25.09
CA ILE A 66 3.76 -17.09 -24.85
C ILE A 66 3.95 -16.73 -23.38
N ILE A 67 3.52 -17.64 -22.52
CA ILE A 67 3.68 -17.49 -21.08
C ILE A 67 5.14 -17.20 -20.71
N GLN A 68 6.08 -17.74 -21.49
CA GLN A 68 7.50 -17.58 -21.22
C GLN A 68 8.00 -16.25 -21.78
N GLU A 69 7.26 -15.75 -22.77
CA GLU A 69 7.59 -14.50 -23.42
C GLU A 69 7.15 -13.37 -22.51
N LYS A 70 6.06 -13.59 -21.81
CA LYS A 70 5.54 -12.65 -20.84
C LYS A 70 6.44 -12.61 -19.60
N VAL A 71 6.95 -13.77 -19.20
CA VAL A 71 7.86 -13.84 -18.08
C VAL A 71 9.17 -13.14 -18.42
N SER A 72 9.59 -13.22 -19.68
CA SER A 72 10.87 -12.63 -20.06
C SER A 72 10.82 -11.11 -20.16
N THR A 73 9.65 -10.52 -19.94
CA THR A 73 9.51 -9.06 -20.01
C THR A 73 9.22 -8.43 -18.65
N THR A 74 9.02 -9.27 -17.64
CA THR A 74 8.79 -8.80 -16.28
C THR A 74 10.11 -8.78 -15.53
N GLN A 75 10.11 -8.27 -14.30
CA GLN A 75 11.34 -8.20 -13.51
C GLN A 75 11.97 -9.59 -13.32
N ILE A 76 11.17 -10.63 -13.56
CA ILE A 76 11.61 -12.01 -13.46
C ILE A 76 12.69 -12.31 -14.50
N LYS A 77 12.93 -11.33 -15.38
CA LYS A 77 13.98 -11.42 -16.38
C LYS A 77 15.36 -11.29 -15.75
N HIS A 78 15.41 -11.04 -14.44
CA HIS A 78 16.69 -10.93 -13.76
C HIS A 78 17.12 -12.27 -13.19
N LEU A 79 16.28 -13.29 -13.35
CA LEU A 79 16.64 -14.65 -12.99
C LEU A 79 17.42 -15.28 -14.14
N SER A 80 17.98 -16.46 -13.90
CA SER A 80 18.69 -17.17 -14.97
C SER A 80 17.67 -17.67 -15.98
N ASP A 81 18.12 -17.90 -17.21
CA ASP A 81 17.24 -18.34 -18.29
C ASP A 81 16.49 -19.61 -17.90
N SER A 82 17.18 -20.51 -17.21
CA SER A 82 16.61 -21.75 -16.73
C SER A 82 15.58 -21.45 -15.65
N GLU A 83 15.92 -20.54 -14.75
CA GLU A 83 15.02 -20.12 -13.68
C GLU A 83 13.75 -19.48 -14.25
N GLN A 84 13.91 -18.60 -15.24
CA GLN A 84 12.77 -17.98 -15.91
C GLN A 84 11.87 -19.04 -16.53
N ARG A 85 12.53 -20.02 -17.15
CA ARG A 85 11.83 -21.09 -17.83
C ARG A 85 11.03 -21.88 -16.79
N GLU A 86 11.65 -22.09 -15.64
CA GLU A 86 11.01 -22.78 -14.52
C GLU A 86 9.77 -22.03 -14.04
N VAL A 87 9.87 -20.71 -13.98
CA VAL A 87 8.74 -19.89 -13.56
C VAL A 87 7.60 -20.05 -14.56
N ALA A 88 7.96 -20.12 -15.85
CA ALA A 88 6.97 -20.25 -16.89
C ALA A 88 6.30 -21.61 -16.81
N LYS A 89 7.11 -22.65 -16.59
CA LYS A 89 6.59 -24.00 -16.39
C LYS A 89 5.58 -24.05 -15.25
N LEU A 90 6.01 -23.61 -14.07
CA LEU A 90 5.15 -23.64 -12.89
C LEU A 90 3.87 -22.83 -13.05
N ILE A 91 3.95 -21.70 -13.76
CA ILE A 91 2.74 -20.90 -13.99
C ILE A 91 1.81 -21.61 -14.99
N TYR A 92 2.40 -22.25 -15.99
CA TYR A 92 1.61 -22.90 -17.04
C TYR A 92 1.01 -24.22 -16.56
N GLU A 93 1.70 -24.92 -15.68
CA GLU A 93 1.23 -26.23 -15.21
C GLU A 93 0.27 -26.12 -14.03
N MET A 94 -0.16 -24.90 -13.71
CA MET A 94 -1.06 -24.73 -12.59
C MET A 94 -2.50 -25.11 -12.97
N ASP A 95 -3.11 -25.98 -12.18
CA ASP A 95 -4.51 -26.27 -12.33
C ASP A 95 -5.33 -25.09 -11.83
N ASP A 96 -6.55 -24.96 -12.36
CA ASP A 96 -7.46 -23.85 -12.04
C ASP A 96 -7.53 -23.50 -10.56
N ASP A 97 -7.56 -24.53 -9.71
CA ASP A 97 -7.63 -24.34 -8.26
C ASP A 97 -6.42 -23.58 -7.71
N ALA A 98 -5.23 -24.15 -7.87
CA ALA A 98 -3.99 -23.50 -7.43
C ALA A 98 -3.80 -22.12 -8.07
N ARG A 99 -4.20 -21.99 -9.33
CA ARG A 99 -4.09 -20.71 -10.01
C ARG A 99 -5.01 -19.67 -9.37
N ASP A 100 -6.17 -20.13 -8.91
CA ASP A 100 -7.13 -19.25 -8.26
C ASP A 100 -6.63 -18.84 -6.88
N GLU A 101 -5.93 -19.76 -6.22
CA GLU A 101 -5.37 -19.44 -4.91
C GLU A 101 -4.13 -18.57 -5.07
N PHE A 102 -3.55 -18.58 -6.27
CA PHE A 102 -2.37 -17.79 -6.54
C PHE A 102 -2.74 -16.37 -6.94
N LEU A 103 -3.87 -16.21 -7.61
CA LEU A 103 -4.32 -14.89 -8.04
C LEU A 103 -4.85 -14.05 -6.87
N GLY A 104 -5.04 -14.68 -5.73
CA GLY A 104 -5.54 -13.99 -4.55
C GLY A 104 -4.47 -13.91 -3.47
N LEU A 105 -3.24 -14.22 -3.86
CA LEU A 105 -2.10 -14.18 -2.94
C LEU A 105 -1.37 -12.86 -3.03
N THR A 106 -1.44 -12.08 -1.96
CA THR A 106 -0.63 -10.88 -1.83
C THR A 106 0.32 -11.09 -0.65
N PRO A 107 1.62 -10.95 -0.90
CA PRO A 107 2.58 -11.26 0.16
C PRO A 107 2.57 -10.20 1.26
N ARG A 108 2.84 -10.64 2.49
CA ARG A 108 2.90 -9.71 3.61
C ARG A 108 4.31 -9.71 4.17
N PHE A 109 4.59 -8.80 5.09
CA PHE A 109 5.94 -8.66 5.62
C PHE A 109 5.97 -8.38 7.11
N TRP A 110 6.93 -8.99 7.80
CA TRP A 110 7.12 -8.70 9.21
C TRP A 110 8.59 -8.87 9.59
N THR A 111 9.14 -7.85 10.22
CA THR A 111 10.56 -7.85 10.58
C THR A 111 10.80 -8.64 11.88
N GLN A 112 11.94 -9.32 11.93
CA GLN A 112 12.35 -10.09 13.09
C GLN A 112 13.80 -9.77 13.42
N GLY A 113 14.27 -10.27 14.55
CA GLY A 113 15.66 -10.09 14.93
C GLY A 113 15.93 -8.81 15.69
N SER A 114 17.20 -8.41 15.71
CA SER A 114 17.65 -7.24 16.45
C SER A 114 16.89 -5.96 16.10
N PHE A 115 16.60 -5.76 14.83
CA PHE A 115 15.89 -4.55 14.40
C PHE A 115 14.45 -4.52 14.91
N GLN A 116 13.91 -5.70 15.22
CA GLN A 116 12.54 -5.79 15.72
C GLN A 116 12.45 -5.54 17.22
N TYR A 117 13.31 -6.19 18.00
CA TYR A 117 13.29 -6.00 19.45
C TYR A 117 14.44 -5.11 19.94
N ASP A 118 14.97 -4.28 19.05
CA ASP A 118 15.86 -3.18 19.42
C ASP A 118 17.15 -3.65 20.11
N THR A 119 17.91 -4.50 19.43
CA THR A 119 19.20 -4.94 19.94
C THR A 119 20.26 -4.89 18.84
N LEU A 120 20.01 -4.08 17.82
CA LEU A 120 20.93 -3.94 16.70
C LEU A 120 22.11 -3.07 17.08
N ASN A 121 23.29 -3.67 17.11
CA ASN A 121 24.50 -2.94 17.43
C ASN A 121 25.19 -2.42 16.19
N ARG A 122 25.92 -1.32 16.32
CA ARG A 122 26.77 -0.84 15.25
C ARG A 122 27.93 -1.80 15.12
N PRO A 123 28.21 -2.26 13.89
CA PRO A 123 29.28 -3.25 13.70
C PRO A 123 30.64 -2.70 14.10
N PHE A 124 31.56 -3.59 14.48
CA PHE A 124 32.84 -3.17 15.04
C PHE A 124 34.01 -3.45 14.09
N GLN A 125 34.29 -4.73 13.86
CA GLN A 125 35.43 -5.13 13.03
C GLN A 125 35.02 -5.16 11.56
N PRO A 126 36.01 -4.99 10.65
CA PRO A 126 35.74 -5.07 9.22
C PRO A 126 35.16 -6.43 8.83
N GLY A 127 34.14 -6.41 7.98
CA GLY A 127 33.45 -7.63 7.59
C GLY A 127 32.15 -7.78 8.34
N GLN A 128 32.08 -7.16 9.51
CA GLN A 128 30.86 -7.19 10.31
C GLN A 128 29.90 -6.14 9.79
N GLU A 129 28.64 -6.52 9.63
CA GLU A 129 27.65 -5.61 9.07
C GLU A 129 26.33 -5.64 9.83
N MET A 130 25.52 -4.61 9.64
CA MET A 130 24.21 -4.55 10.25
C MET A 130 23.29 -5.57 9.58
N ASP A 131 22.59 -6.34 10.42
CA ASP A 131 21.75 -7.40 9.89
C ASP A 131 20.29 -7.06 10.08
N ILE A 132 19.56 -6.90 8.98
CA ILE A 132 18.13 -6.67 9.11
C ILE A 132 17.32 -7.80 8.47
N ASP A 133 16.56 -8.52 9.29
CA ASP A 133 15.78 -9.65 8.82
C ASP A 133 14.31 -9.30 8.62
N ASP A 134 13.87 -9.21 7.37
CA ASP A 134 12.49 -8.90 7.05
C ASP A 134 11.82 -10.10 6.39
N GLY A 135 10.98 -10.79 7.16
CA GLY A 135 10.33 -11.99 6.67
C GLY A 135 9.15 -11.70 5.76
N THR A 136 9.01 -12.51 4.72
CA THR A 136 7.88 -12.41 3.80
C THR A 136 6.91 -13.57 4.02
N TYR A 137 5.65 -13.24 4.28
CA TYR A 137 4.65 -14.24 4.63
C TYR A 137 3.64 -14.47 3.51
N MET A 138 3.33 -15.74 3.27
CA MET A 138 2.41 -16.16 2.20
C MET A 138 1.17 -16.82 2.77
N PRO A 139 0.05 -16.08 2.78
CA PRO A 139 -1.25 -16.62 3.19
C PRO A 139 -1.80 -17.66 2.20
N MET A 140 -1.63 -18.93 2.55
CA MET A 140 -2.11 -20.04 1.75
C MET A 140 -2.98 -20.93 2.63
N PRO A 141 -3.90 -21.72 2.02
CA PRO A 141 -4.73 -22.60 2.84
C PRO A 141 -3.93 -23.69 3.56
N ILE A 142 -4.62 -24.60 4.25
CA ILE A 142 -3.99 -25.68 5.00
C ILE A 142 -3.12 -25.12 6.12
N LYS A 148 -2.25 -24.48 -0.75
CA LYS A 148 -0.83 -24.68 -1.00
C LYS A 148 -0.43 -24.24 -2.40
N ILE A 149 0.59 -23.40 -2.47
CA ILE A 149 1.16 -22.97 -3.74
C ILE A 149 2.59 -23.49 -3.81
N GLY A 150 3.11 -23.66 -5.02
CA GLY A 150 4.45 -24.19 -5.22
C GLY A 150 5.52 -23.52 -4.38
N HIS A 151 6.35 -24.33 -3.75
CA HIS A 151 7.45 -23.84 -2.93
C HIS A 151 8.49 -23.21 -3.84
N SER A 152 8.68 -23.84 -4.99
CA SER A 152 9.66 -23.41 -5.98
C SER A 152 9.26 -22.08 -6.58
N LEU A 153 7.97 -21.91 -6.84
CA LEU A 153 7.48 -20.67 -7.44
C LEU A 153 7.68 -19.50 -6.50
N LEU A 154 7.27 -19.66 -5.25
CA LEU A 154 7.43 -18.64 -4.23
C LEU A 154 8.90 -18.25 -4.06
N ILE A 155 9.76 -19.25 -3.88
CA ILE A 155 11.20 -18.99 -3.71
C ILE A 155 11.76 -18.26 -4.93
N LEU A 156 11.32 -18.67 -6.11
CA LEU A 156 11.80 -18.08 -7.35
C LEU A 156 11.35 -16.64 -7.52
N LEU A 157 10.14 -16.33 -7.04
CA LEU A 157 9.62 -14.97 -7.17
C LEU A 157 10.31 -14.02 -6.20
N VAL A 158 10.59 -14.51 -4.99
CA VAL A 158 11.27 -13.66 -4.02
C VAL A 158 12.72 -13.45 -4.47
N ASP A 159 13.29 -14.49 -5.06
CA ASP A 159 14.64 -14.41 -5.60
C ASP A 159 14.67 -13.43 -6.76
N ALA A 160 13.60 -13.45 -7.55
CA ALA A 160 13.48 -12.55 -8.69
C ALA A 160 13.41 -11.12 -8.22
N SER A 161 12.73 -10.90 -7.10
CA SER A 161 12.63 -9.55 -6.53
C SER A 161 14.01 -9.07 -6.09
N LEU A 162 14.69 -9.90 -5.30
CA LEU A 162 15.99 -9.50 -4.77
C LEU A 162 16.99 -9.25 -5.88
N LYS A 163 17.05 -10.15 -6.85
CA LYS A 163 18.00 -10.02 -7.94
C LYS A 163 17.66 -8.83 -8.82
N SER A 164 16.37 -8.52 -8.94
CA SER A 164 15.93 -7.37 -9.72
C SER A 164 16.38 -6.10 -9.01
N LEU A 165 16.46 -6.15 -7.69
CA LEU A 165 16.94 -4.98 -6.96
C LEU A 165 18.46 -4.87 -7.03
N VAL A 166 19.14 -6.01 -7.06
CA VAL A 166 20.60 -6.03 -7.15
C VAL A 166 21.06 -5.52 -8.51
N ALA A 167 20.27 -5.80 -9.54
CA ALA A 167 20.59 -5.37 -10.90
C ALA A 167 20.44 -3.86 -11.09
N GLU A 168 19.94 -3.18 -10.06
CA GLU A 168 19.69 -1.75 -10.13
C GLU A 168 20.68 -0.94 -9.30
N ASN A 169 21.56 -1.64 -8.59
CA ASN A 169 22.45 -0.97 -7.64
C ASN A 169 23.88 -1.48 -7.67
N HIS A 170 24.81 -0.58 -7.98
CA HIS A 170 26.23 -0.88 -7.87
C HIS A 170 26.57 -1.18 -6.41
N GLY A 171 27.32 -2.25 -6.18
CA GLY A 171 27.76 -2.59 -4.84
C GLY A 171 26.87 -3.60 -4.14
N TRP A 172 25.67 -3.80 -4.67
CA TRP A 172 24.74 -4.77 -4.09
C TRP A 172 25.06 -6.15 -4.62
N LYS A 173 24.85 -7.17 -3.79
CA LYS A 173 25.12 -8.56 -4.19
C LYS A 173 24.04 -9.49 -3.66
N PHE A 174 23.67 -10.50 -4.44
CA PHE A 174 22.68 -11.46 -3.99
C PHE A 174 23.36 -12.73 -3.47
N GLU A 175 22.90 -13.21 -2.33
CA GLU A 175 23.44 -14.43 -1.73
C GLU A 175 22.32 -15.37 -1.31
N ALA A 176 22.41 -16.63 -1.71
CA ALA A 176 21.40 -17.63 -1.36
C ALA A 176 21.76 -18.36 -0.07
N LYS A 177 20.87 -18.29 0.91
CA LYS A 177 21.04 -19.00 2.18
C LYS A 177 19.95 -20.02 2.39
N GLN A 178 20.19 -20.96 3.29
CA GLN A 178 19.28 -22.09 3.50
C GLN A 178 17.89 -21.64 3.95
N THR A 179 17.84 -20.66 4.84
CA THR A 179 16.59 -20.20 5.41
C THR A 179 16.06 -18.91 4.79
N CYS A 180 16.81 -18.33 3.85
CA CYS A 180 16.46 -17.01 3.34
C CYS A 180 17.28 -16.57 2.12
N GLY A 181 16.75 -15.58 1.42
CA GLY A 181 17.50 -14.92 0.35
C GLY A 181 18.15 -13.68 0.95
N ARG A 182 19.30 -13.27 0.45
CA ARG A 182 19.99 -12.15 1.09
C ARG A 182 20.50 -11.11 0.10
N ILE A 183 20.36 -9.84 0.48
CA ILE A 183 20.97 -8.76 -0.29
C ILE A 183 22.05 -8.10 0.55
N LYS A 184 23.28 -8.16 0.05
CA LYS A 184 24.45 -7.64 0.75
C LYS A 184 24.94 -6.32 0.16
N ILE A 185 25.17 -5.37 1.05
CA ILE A 185 25.73 -4.07 0.72
C ILE A 185 26.97 -3.84 1.57
N GLU A 186 28.04 -4.53 1.20
CA GLU A 186 29.37 -4.42 1.80
C GLU A 186 29.80 -2.98 2.08
N ALA A 187 29.62 -2.11 1.09
CA ALA A 187 30.13 -0.75 1.15
C ALA A 187 29.42 0.07 2.21
N GLU A 188 28.23 -0.37 2.60
CA GLU A 188 27.48 0.32 3.63
C GLU A 188 27.37 -0.51 4.89
N LYS A 189 28.23 -1.54 5.00
CA LYS A 189 28.22 -2.43 6.16
C LYS A 189 26.82 -2.92 6.49
N THR A 190 26.05 -3.27 5.47
CA THR A 190 24.65 -3.62 5.70
C THR A 190 24.25 -4.84 4.91
N HIS A 191 23.37 -5.68 5.47
CA HIS A 191 22.74 -6.72 4.67
C HIS A 191 21.32 -7.03 5.17
N ILE A 192 20.46 -7.39 4.23
CA ILE A 192 19.07 -7.68 4.54
C ILE A 192 18.74 -9.12 4.18
N ASP A 193 18.26 -9.83 5.19
CA ASP A 193 17.85 -11.21 5.03
C ASP A 193 16.34 -11.28 4.84
N VAL A 194 15.91 -12.07 3.87
CA VAL A 194 14.50 -12.26 3.59
C VAL A 194 14.17 -13.73 3.72
N PRO A 195 13.79 -14.17 4.93
CA PRO A 195 13.24 -15.50 5.14
C PRO A 195 11.81 -15.51 4.67
N MET A 196 11.30 -16.68 4.30
CA MET A 196 9.96 -16.76 3.77
C MET A 196 9.11 -17.80 4.49
N TYR A 197 7.87 -17.43 4.80
CA TYR A 197 6.99 -18.29 5.57
C TYR A 197 5.67 -18.55 4.87
N ALA A 198 5.09 -19.71 5.14
CA ALA A 198 3.72 -20.00 4.73
C ALA A 198 2.82 -19.93 5.95
N ILE A 199 1.69 -19.25 5.83
CA ILE A 199 0.77 -19.11 6.94
C ILE A 199 -0.67 -19.38 6.50
N PRO A 200 -1.51 -19.88 7.43
CA PRO A 200 -2.91 -20.17 7.09
C PRO A 200 -3.67 -18.92 6.63
N LYS A 201 -4.35 -19.04 5.50
CA LYS A 201 -5.01 -17.90 4.87
C LYS A 201 -6.19 -17.37 5.67
N ASP A 202 -7.15 -18.25 5.95
CA ASP A 202 -8.36 -17.87 6.70
C ASP A 202 -8.06 -17.21 8.04
N GLU A 203 -7.18 -17.83 8.83
CA GLU A 203 -6.76 -17.26 10.11
C GLU A 203 -6.20 -15.86 9.92
N PHE A 204 -5.38 -15.69 8.89
CA PHE A 204 -4.79 -14.39 8.59
C PHE A 204 -5.86 -13.40 8.14
N GLU A 239 -2.55 -13.56 18.46
CA GLU A 239 -1.65 -13.43 17.31
C GLU A 239 -2.03 -14.40 16.20
N LEU A 240 -1.20 -15.43 16.03
CA LEU A 240 -1.43 -16.47 15.02
C LEU A 240 -0.90 -17.80 15.52
N ASP A 241 -1.64 -18.88 15.26
CA ASP A 241 -1.26 -20.21 15.74
C ASP A 241 0.07 -20.64 15.13
N SER A 242 1.08 -20.72 15.99
CA SER A 242 2.44 -21.11 15.63
C SER A 242 2.56 -22.41 14.85
N GLU A 243 1.71 -23.38 15.20
CA GLU A 243 1.71 -24.72 14.60
C GLU A 243 1.58 -24.71 13.08
N ASN A 244 1.24 -23.56 12.51
CA ASN A 244 1.00 -23.47 11.07
C ASN A 244 1.88 -22.43 10.38
N VAL A 245 2.80 -21.83 11.14
CA VAL A 245 3.78 -20.92 10.56
C VAL A 245 4.97 -21.73 10.06
N ASN A 246 5.05 -21.93 8.76
CA ASN A 246 6.10 -22.78 8.19
C ASN A 246 7.21 -21.98 7.52
N LEU A 247 8.45 -22.26 7.91
CA LEU A 247 9.61 -21.63 7.29
C LEU A 247 10.09 -22.47 6.11
N ALA A 248 10.28 -21.81 4.98
CA ALA A 248 10.72 -22.48 3.76
C ALA A 248 12.23 -22.70 3.78
N LEU A 249 12.65 -23.88 3.35
CA LEU A 249 14.07 -24.20 3.27
C LEU A 249 14.47 -24.30 1.81
N ARG A 250 15.64 -23.75 1.48
CA ARG A 250 16.10 -23.71 0.10
C ARG A 250 16.58 -25.07 -0.36
N GLU A 251 17.34 -25.76 0.47
CA GLU A 251 17.93 -27.04 0.09
C GLU A 251 17.48 -28.18 1.01
N GLY A 252 17.68 -29.41 0.55
CA GLY A 252 17.37 -30.58 1.36
C GLY A 252 16.09 -31.32 1.02
N ASP A 253 15.86 -32.44 1.73
CA ASP A 253 14.67 -33.25 1.51
C ASP A 253 13.46 -32.54 2.11
N ARG A 254 13.71 -31.75 3.15
CA ARG A 254 12.66 -30.99 3.80
C ARG A 254 12.53 -29.60 3.18
N LYS A 255 11.31 -29.26 2.76
CA LYS A 255 11.06 -27.98 2.10
C LYS A 255 10.45 -26.96 3.06
N TRP A 256 9.78 -27.45 4.09
CA TRP A 256 9.19 -26.59 5.11
C TRP A 256 9.48 -27.13 6.50
N ILE A 257 9.54 -26.25 7.50
CA ILE A 257 9.68 -26.65 8.91
C ILE A 257 8.96 -25.65 9.80
N ASN A 258 8.19 -26.15 10.76
CA ASN A 258 7.45 -25.28 11.68
C ASN A 258 8.39 -24.39 12.49
N SER A 259 8.39 -23.10 12.17
CA SER A 259 9.22 -22.12 12.88
C SER A 259 8.57 -20.74 12.91
N ASP A 260 8.12 -20.32 14.08
CA ASP A 260 7.49 -19.02 14.26
C ASP A 260 8.41 -18.06 15.03
N PRO A 261 8.85 -16.97 14.38
CA PRO A 261 9.77 -16.01 15.00
C PRO A 261 9.08 -15.18 16.10
N LYS A 262 7.75 -15.18 16.10
CA LYS A 262 7.00 -14.42 17.08
C LYS A 262 7.17 -15.04 18.46
N ILE A 263 7.63 -16.29 18.48
CA ILE A 263 7.91 -16.98 19.74
C ILE A 263 9.13 -16.36 20.41
N VAL A 264 10.19 -16.16 19.63
CA VAL A 264 11.41 -15.58 20.16
C VAL A 264 11.21 -14.10 20.45
N GLU A 265 10.48 -13.43 19.56
CA GLU A 265 10.22 -12.00 19.75
C GLU A 265 9.41 -11.74 21.03
N ASP A 266 8.37 -12.54 21.21
CA ASP A 266 7.51 -12.40 22.38
C ASP A 266 8.27 -12.81 23.64
N TRP A 267 9.04 -13.89 23.54
CA TRP A 267 9.82 -14.36 24.67
C TRP A 267 10.76 -13.27 25.16
N PHE A 268 11.49 -12.65 24.23
CA PHE A 268 12.45 -11.62 24.62
C PHE A 268 11.77 -10.36 25.12
N ASN A 269 10.65 -9.98 24.49
CA ASN A 269 9.93 -8.79 24.94
C ASN A 269 9.40 -8.99 26.37
N ASP A 270 8.85 -10.18 26.60
CA ASP A 270 8.33 -10.57 27.90
C ASP A 270 9.47 -10.54 28.92
N SER A 271 10.61 -11.10 28.53
CA SER A 271 11.78 -11.13 29.39
C SER A 271 12.21 -9.71 29.73
N CYS A 272 12.04 -8.80 28.78
CA CYS A 272 12.42 -7.41 28.98
C CYS A 272 11.49 -6.74 29.98
N ILE A 273 10.20 -7.06 29.92
CA ILE A 273 9.24 -6.50 30.86
C ILE A 273 9.46 -7.07 32.26
N ARG A 274 9.66 -8.38 32.33
CA ARG A 274 9.87 -9.09 33.59
C ARG A 274 11.15 -8.65 34.30
N ILE A 275 12.27 -8.68 33.58
CA ILE A 275 13.57 -8.37 34.14
C ILE A 275 13.81 -6.86 34.25
N GLY A 276 13.54 -6.13 33.19
CA GLY A 276 13.69 -4.68 33.20
C GLY A 276 14.34 -4.09 31.95
N LYS A 277 14.51 -2.77 31.97
CA LYS A 277 15.03 -2.03 30.82
C LYS A 277 16.51 -2.31 30.54
N HIS A 278 17.20 -2.86 31.53
CA HIS A 278 18.65 -3.08 31.43
C HIS A 278 19.00 -4.36 30.67
N LEU A 279 18.02 -5.24 30.50
CA LEU A 279 18.24 -6.50 29.80
C LEU A 279 18.71 -6.27 28.36
N ARG A 280 18.03 -5.35 27.68
CA ARG A 280 18.36 -5.02 26.30
C ARG A 280 19.78 -4.45 26.23
N LYS A 281 20.14 -3.69 27.25
CA LYS A 281 21.44 -3.05 27.32
C LYS A 281 22.56 -4.07 27.50
N VAL A 282 22.43 -4.93 28.50
CA VAL A 282 23.46 -5.93 28.75
C VAL A 282 23.52 -6.98 27.64
N CYS A 283 22.41 -7.15 26.92
CA CYS A 283 22.41 -8.05 25.77
C CYS A 283 23.20 -7.40 24.64
N ARG A 284 23.09 -6.07 24.57
CA ARG A 284 23.84 -5.31 23.57
C ARG A 284 25.32 -5.37 23.90
N PHE A 285 25.63 -5.34 25.19
CA PHE A 285 27.01 -5.37 25.66
C PHE A 285 27.63 -6.74 25.41
N MET A 286 26.85 -7.79 25.59
CA MET A 286 27.36 -9.13 25.38
C MET A 286 27.58 -9.36 23.88
N LYS A 287 26.68 -8.81 23.07
CA LYS A 287 26.83 -8.93 21.62
C LYS A 287 28.04 -8.15 21.14
N ALA A 288 28.31 -7.02 21.80
CA ALA A 288 29.47 -6.19 21.45
C ALA A 288 30.76 -6.89 21.85
N TRP A 289 30.70 -7.61 22.97
CA TRP A 289 31.84 -8.40 23.42
C TRP A 289 32.14 -9.48 22.40
N ARG A 290 31.08 -10.15 21.94
CA ARG A 290 31.22 -11.18 20.93
C ARG A 290 31.82 -10.60 19.65
N ASP A 291 31.36 -9.41 19.28
CA ASP A 291 31.84 -8.74 18.08
C ASP A 291 33.30 -8.30 18.22
N ALA A 292 33.75 -8.12 19.45
CA ALA A 292 35.11 -7.66 19.68
C ALA A 292 36.09 -8.81 19.82
N GLN A 293 35.59 -9.98 20.23
CA GLN A 293 36.46 -11.15 20.40
C GLN A 293 36.55 -11.98 19.14
N TRP A 294 35.56 -11.83 18.25
CA TRP A 294 35.55 -12.54 16.98
C TRP A 294 35.21 -11.59 15.83
N ASP A 295 36.09 -11.51 14.84
CA ASP A 295 35.80 -10.75 13.63
C ASP A 295 34.68 -11.44 12.86
N VAL A 296 34.73 -12.77 12.88
CA VAL A 296 33.65 -13.59 12.34
C VAL A 296 33.51 -14.83 13.22
N GLY A 297 32.27 -15.20 13.52
CA GLY A 297 32.02 -16.35 14.36
C GLY A 297 31.71 -15.99 15.79
N GLY A 298 31.86 -16.94 16.69
CA GLY A 298 31.51 -16.75 18.09
C GLY A 298 30.12 -17.32 18.36
N PRO A 299 29.66 -17.22 19.62
CA PRO A 299 28.32 -17.72 19.94
C PRO A 299 27.25 -16.88 19.28
N SER A 300 26.10 -17.50 18.99
CA SER A 300 25.00 -16.77 18.36
C SER A 300 24.47 -15.71 19.30
N SER A 301 23.90 -14.64 18.74
CA SER A 301 23.34 -13.57 19.53
C SER A 301 22.20 -14.08 20.40
N ILE A 302 21.41 -14.98 19.84
CA ILE A 302 20.23 -15.51 20.52
C ILE A 302 20.60 -16.40 21.72
N SER A 303 21.76 -17.05 21.65
CA SER A 303 22.22 -17.89 22.75
C SER A 303 22.71 -17.03 23.90
N LEU A 304 23.35 -15.92 23.54
CA LEU A 304 23.85 -14.97 24.53
C LEU A 304 22.66 -14.30 25.19
N MET A 305 21.61 -14.08 24.40
CA MET A 305 20.39 -13.48 24.89
C MET A 305 19.70 -14.41 25.88
N ALA A 306 19.52 -15.67 25.47
CA ALA A 306 18.84 -16.65 26.31
C ALA A 306 19.60 -16.89 27.61
N ALA A 307 20.92 -16.99 27.51
CA ALA A 307 21.73 -17.23 28.70
C ALA A 307 21.68 -16.03 29.65
N THR A 308 21.85 -14.83 29.09
CA THR A 308 21.76 -13.60 29.87
C THR A 308 20.43 -13.48 30.59
N VAL A 309 19.35 -13.83 29.89
CA VAL A 309 18.02 -13.81 30.48
C VAL A 309 17.91 -14.80 31.62
N ASN A 310 18.39 -16.03 31.41
CA ASN A 310 18.37 -17.04 32.46
C ASN A 310 19.11 -16.56 33.72
N ILE A 311 20.25 -15.92 33.51
CA ILE A 311 21.08 -15.46 34.61
C ILE A 311 20.39 -14.34 35.37
N LEU A 312 19.89 -13.35 34.63
CA LEU A 312 19.19 -12.23 35.26
C LEU A 312 17.85 -12.67 35.86
N ASP A 313 17.44 -13.89 35.53
CA ASP A 313 16.20 -14.46 36.05
C ASP A 313 16.45 -15.25 37.32
N SER A 314 17.68 -15.75 37.48
CA SER A 314 17.98 -16.61 38.63
C SER A 314 18.98 -16.00 39.62
N VAL A 315 19.64 -14.91 39.24
CA VAL A 315 20.62 -14.29 40.13
C VAL A 315 20.25 -12.85 40.47
N ALA A 316 20.39 -12.49 41.75
CA ALA A 316 20.10 -11.14 42.21
C ALA A 316 21.15 -10.16 41.68
N HIS A 317 20.69 -8.98 41.28
CA HIS A 317 21.59 -7.97 40.73
C HIS A 317 20.99 -6.57 40.89
N ASP A 318 21.83 -5.56 40.66
CA ASP A 318 21.41 -4.16 40.79
C ASP A 318 21.45 -3.47 39.43
N ALA A 319 20.29 -3.03 38.95
CA ALA A 319 20.19 -2.40 37.64
C ALA A 319 20.75 -0.98 37.63
N SER A 320 20.86 -0.37 38.81
CA SER A 320 21.42 0.97 38.92
C SER A 320 22.94 0.96 38.77
N ASP A 321 23.49 -0.22 38.53
CA ASP A 321 24.92 -0.40 38.34
C ASP A 321 25.14 -1.56 37.38
N LEU A 322 25.27 -1.23 36.09
CA LEU A 322 25.37 -2.25 35.06
C LEU A 322 26.77 -2.83 34.95
N GLY A 323 27.73 -2.24 35.64
CA GLY A 323 29.08 -2.81 35.69
C GLY A 323 29.08 -4.02 36.61
N GLU A 324 28.35 -3.88 37.72
CA GLU A 324 28.19 -4.96 38.69
C GLU A 324 27.38 -6.07 38.05
N THR A 325 26.30 -5.69 37.38
CA THR A 325 25.45 -6.62 36.68
C THR A 325 26.23 -7.38 35.61
N MET A 326 27.06 -6.65 34.86
CA MET A 326 27.87 -7.26 33.81
C MET A 326 28.90 -8.21 34.40
N LYS A 327 29.39 -7.87 35.60
CA LYS A 327 30.36 -8.72 36.27
C LYS A 327 29.71 -10.03 36.71
N ILE A 328 28.47 -9.93 37.18
CA ILE A 328 27.72 -11.10 37.62
C ILE A 328 27.39 -11.99 36.43
N ILE A 329 26.93 -11.36 35.36
CA ILE A 329 26.60 -12.06 34.12
C ILE A 329 27.81 -12.80 33.57
N ALA A 330 28.93 -12.10 33.47
CA ALA A 330 30.17 -12.70 33.00
C ALA A 330 30.56 -13.87 33.91
N LYS A 331 30.32 -13.70 35.21
CA LYS A 331 30.65 -14.73 36.18
C LYS A 331 29.78 -15.98 36.01
N HIS A 332 28.55 -15.82 35.53
CA HIS A 332 27.63 -16.96 35.44
C HIS A 332 27.48 -17.55 34.04
N LEU A 333 27.98 -16.86 33.02
CA LEU A 333 27.85 -17.31 31.64
C LEU A 333 28.55 -18.64 31.29
N PRO A 334 29.82 -18.84 31.74
CA PRO A 334 30.48 -20.10 31.42
C PRO A 334 29.68 -21.33 31.84
N SER A 335 29.14 -21.31 33.06
CA SER A 335 28.31 -22.40 33.56
C SER A 335 27.06 -22.59 32.69
N GLU A 336 26.46 -21.47 32.29
CA GLU A 336 25.24 -21.51 31.47
C GLU A 336 25.50 -22.13 30.10
N PHE A 337 26.66 -21.85 29.53
CA PHE A 337 27.00 -22.37 28.21
C PHE A 337 27.51 -23.80 28.29
N ALA A 338 28.09 -24.15 29.45
CA ALA A 338 28.67 -25.47 29.64
C ALA A 338 27.61 -26.56 29.71
N ARG A 339 26.46 -26.25 30.29
CA ARG A 339 25.40 -27.24 30.42
C ARG A 339 24.50 -27.21 29.20
N GLY A 340 24.79 -26.27 28.30
CA GLY A 340 24.01 -26.12 27.08
C GLY A 340 22.94 -25.06 27.27
N VAL A 341 22.66 -24.31 26.21
CA VAL A 341 21.65 -23.27 26.24
C VAL A 341 20.44 -23.69 25.43
N GLU A 342 19.32 -23.94 26.12
CA GLU A 342 18.12 -24.39 25.42
C GLU A 342 17.39 -23.20 24.82
N SER A 343 16.87 -23.40 23.61
CA SER A 343 16.10 -22.39 22.92
C SER A 343 14.80 -22.09 23.65
N PRO A 344 14.40 -20.80 23.70
CA PRO A 344 13.12 -20.41 24.26
C PRO A 344 11.95 -20.93 23.42
N ASP A 345 12.28 -21.58 22.31
CA ASP A 345 11.27 -22.23 21.47
C ASP A 345 11.39 -23.72 21.76
N SER A 346 10.32 -24.28 22.31
CA SER A 346 10.33 -25.68 22.71
C SER A 346 10.19 -26.61 21.52
N THR A 347 9.78 -26.06 20.38
CA THR A 347 9.62 -26.85 19.17
C THR A 347 10.95 -27.04 18.44
N ASP A 348 12.02 -26.49 19.00
CA ASP A 348 13.36 -26.70 18.46
C ASP A 348 13.94 -27.99 19.04
N GLU A 349 14.45 -28.86 18.17
CA GLU A 349 15.02 -30.12 18.62
C GLU A 349 16.43 -29.92 19.15
N LYS A 350 17.10 -28.88 18.65
CA LYS A 350 18.48 -28.64 19.02
C LYS A 350 18.60 -27.32 19.79
N PRO A 351 19.51 -27.30 20.78
CA PRO A 351 19.73 -26.11 21.60
C PRO A 351 20.52 -25.03 20.88
N LEU A 352 20.56 -23.85 21.48
CA LEU A 352 21.27 -22.72 20.88
C LEU A 352 22.77 -22.97 21.05
N PHE A 353 23.11 -23.65 22.13
CA PHE A 353 24.48 -24.05 22.40
C PHE A 353 24.46 -25.43 23.05
N PRO A 354 25.27 -26.37 22.55
CA PRO A 354 25.28 -27.74 23.07
C PRO A 354 26.04 -27.86 24.38
N PRO A 355 25.70 -28.87 25.19
CA PRO A 355 26.40 -29.13 26.46
C PRO A 355 27.87 -29.53 26.24
N SER A 356 28.67 -29.46 27.31
CA SER A 356 30.12 -29.59 27.23
C SER A 356 30.64 -30.90 26.62
N TYR A 357 29.95 -32.00 26.88
CA TYR A 357 30.40 -33.31 26.41
C TYR A 357 30.27 -33.45 24.89
N LYS A 358 29.71 -32.43 24.25
CA LYS A 358 29.60 -32.42 22.80
C LYS A 358 30.41 -31.30 22.18
N HIS A 359 31.19 -30.62 23.01
CA HIS A 359 31.92 -29.46 22.52
C HIS A 359 33.05 -29.91 21.61
N GLY A 360 33.22 -29.20 20.51
CA GLY A 360 34.32 -29.42 19.60
C GLY A 360 35.18 -28.19 19.70
N PRO A 361 36.13 -28.03 18.77
CA PRO A 361 37.05 -26.89 18.79
C PRO A 361 36.32 -25.54 18.90
N ARG A 362 35.20 -25.42 18.21
CA ARG A 362 34.46 -24.17 18.16
C ARG A 362 33.86 -23.83 19.52
N GLU A 363 33.19 -24.80 20.13
CA GLU A 363 32.54 -24.56 21.40
C GLU A 363 33.58 -24.44 22.52
N MET A 364 34.71 -25.11 22.36
CA MET A 364 35.76 -25.04 23.37
C MET A 364 36.44 -23.67 23.29
N ASP A 365 36.47 -23.10 22.09
CA ASP A 365 37.03 -21.77 21.89
C ASP A 365 36.10 -20.73 22.51
N ILE A 366 34.80 -20.99 22.35
CA ILE A 366 33.79 -20.08 22.90
C ILE A 366 33.82 -20.15 24.43
N MET A 367 34.07 -21.33 24.95
CA MET A 367 34.19 -21.50 26.40
C MET A 367 35.47 -20.87 26.92
N SER A 368 36.50 -20.83 26.07
CA SER A 368 37.76 -20.23 26.48
C SER A 368 37.60 -18.72 26.62
N LYS A 369 36.88 -18.11 25.69
CA LYS A 369 36.72 -16.66 25.77
C LYS A 369 35.70 -16.27 26.83
N LEU A 370 34.65 -17.09 26.96
CA LEU A 370 33.65 -16.88 28.00
C LEU A 370 34.32 -17.00 29.37
N GLU A 371 35.30 -17.88 29.46
CA GLU A 371 36.05 -18.05 30.69
C GLU A 371 37.01 -16.90 30.89
N ARG A 372 37.36 -16.23 29.80
CA ARG A 372 38.37 -15.17 29.89
C ARG A 372 37.74 -13.82 30.27
N LEU A 373 36.46 -13.63 29.96
CA LEU A 373 35.79 -12.35 30.26
C LEU A 373 35.78 -11.89 31.73
N PRO A 374 35.40 -12.78 32.68
CA PRO A 374 35.39 -12.34 34.08
C PRO A 374 36.74 -11.82 34.57
N GLU A 375 37.81 -12.48 34.14
CA GLU A 375 39.16 -12.10 34.52
C GLU A 375 39.46 -10.69 34.03
N ILE A 376 38.91 -10.35 32.87
CA ILE A 376 39.13 -9.03 32.27
C ILE A 376 38.36 -7.97 33.04
N LEU A 377 37.12 -8.31 33.43
CA LEU A 377 36.30 -7.34 34.15
C LEU A 377 36.86 -7.10 35.55
N SER A 378 37.47 -8.14 36.12
CA SER A 378 38.07 -8.04 37.44
C SER A 378 39.39 -7.30 37.38
N SER A 379 40.17 -7.56 36.33
CA SER A 379 41.43 -6.86 36.11
C SER A 379 41.19 -5.38 35.91
N ALA A 380 40.07 -5.05 35.26
CA ALA A 380 39.71 -3.66 35.01
C ALA A 380 39.19 -3.01 36.29
N GLU A 381 38.43 -3.78 37.07
CA GLU A 381 37.86 -3.29 38.32
C GLU A 381 38.96 -2.84 39.30
N SER A 382 40.04 -3.60 39.37
CA SER A 382 41.09 -3.33 40.35
C SER A 382 42.31 -2.65 39.73
N ALA A 383 42.09 -1.71 38.82
CA ALA A 383 43.19 -1.01 38.17
C ALA A 383 43.64 0.18 39.02
N ASP A 384 44.80 0.73 38.68
CA ASP A 384 45.42 1.77 39.49
C ASP A 384 44.97 3.17 39.08
N SER A 385 44.53 3.31 37.84
CA SER A 385 44.08 4.60 37.33
C SER A 385 42.84 4.45 36.46
N LYS A 386 42.20 5.57 36.18
CA LYS A 386 41.02 5.61 35.32
C LYS A 386 41.35 5.03 33.95
N SER A 387 42.43 5.53 33.39
CA SER A 387 42.88 5.16 32.05
C SER A 387 43.32 3.71 31.96
N GLU A 388 43.95 3.21 33.01
CA GLU A 388 44.36 1.81 33.05
C GLU A 388 43.14 0.91 33.08
N ALA A 389 42.13 1.32 33.85
CA ALA A 389 40.89 0.56 33.94
C ALA A 389 40.18 0.56 32.59
N LEU A 390 40.24 1.69 31.90
CA LEU A 390 39.65 1.80 30.57
C LEU A 390 40.35 0.88 29.58
N LYS A 391 41.69 0.87 29.66
CA LYS A 391 42.52 0.08 28.77
C LYS A 391 42.23 -1.40 29.01
N LYS A 392 42.01 -1.76 30.27
CA LYS A 392 41.73 -3.14 30.64
C LYS A 392 40.32 -3.64 30.27
N ILE A 393 39.30 -2.81 30.45
CA ILE A 393 37.92 -3.18 30.08
C ILE A 393 37.74 -3.17 28.56
N ASN A 394 38.57 -2.36 27.88
CA ASN A 394 38.55 -2.33 26.43
C ASN A 394 39.21 -3.58 25.85
N MET A 395 39.72 -4.45 26.73
CA MET A 395 40.19 -5.76 26.31
C MET A 395 38.99 -6.65 26.07
N ALA A 396 37.86 -6.23 26.62
CA ALA A 396 36.64 -7.02 26.53
C ALA A 396 35.71 -6.40 25.50
N PHE A 397 35.65 -5.07 25.45
CA PHE A 397 34.71 -4.46 24.52
C PHE A 397 35.37 -3.73 23.35
N GLY A 398 36.69 -3.65 23.36
CA GLY A 398 37.42 -3.05 22.25
C GLY A 398 37.60 -1.56 22.47
N ASN A 399 38.52 -0.96 21.74
CA ASN A 399 38.75 0.48 21.86
C ASN A 399 37.64 1.26 21.18
N ARG A 400 36.46 1.30 21.82
CA ARG A 400 35.33 2.02 21.28
C ARG A 400 34.97 3.18 22.20
N VAL A 401 34.95 2.91 23.49
CA VAL A 401 34.82 3.96 24.48
C VAL A 401 36.21 4.51 24.78
N THR A 402 36.38 5.82 24.61
CA THR A 402 37.70 6.42 24.73
C THR A 402 37.77 7.41 25.88
N ASN A 403 36.60 7.73 26.45
CA ASN A 403 36.54 8.67 27.56
C ASN A 403 36.69 7.96 28.89
N SER A 404 37.87 8.06 29.49
CA SER A 404 38.17 7.41 30.76
C SER A 404 37.45 8.10 31.93
N GLU A 405 36.88 9.26 31.66
CA GLU A 405 36.18 10.03 32.70
C GLU A 405 34.79 9.44 32.95
N LEU A 406 34.41 8.45 32.16
CA LEU A 406 33.12 7.78 32.33
C LEU A 406 33.17 6.77 33.47
N ILE A 407 34.39 6.39 33.84
CA ILE A 407 34.62 5.51 34.97
C ILE A 407 34.78 6.41 36.19
N VAL A 408 34.37 5.94 37.37
CA VAL A 408 34.51 6.73 38.59
C VAL A 408 34.92 5.85 39.77
N LEU A 409 35.49 6.47 40.80
CA LEU A 409 35.81 5.75 42.02
C LEU A 409 34.52 5.36 42.73
N ALA A 410 34.42 4.09 43.09
CA ALA A 410 33.23 3.56 43.76
C ALA A 410 33.04 4.17 45.14
N LYS A 411 31.80 4.52 45.47
CA LYS A 411 31.52 5.07 46.78
C LYS A 411 31.62 3.97 47.85
N ALA A 412 31.75 4.39 49.11
CA ALA A 412 31.91 3.46 50.22
C ALA A 412 30.56 2.95 50.75
N THR B 4 0.84 27.76 17.23
CA THR B 4 -0.34 27.02 16.81
C THR B 4 -1.28 27.89 15.96
N TRP B 5 -1.61 27.40 14.77
CA TRP B 5 -2.37 28.20 13.81
C TRP B 5 -3.79 27.66 13.57
N ASN B 6 -4.66 28.56 13.13
CA ASN B 6 -6.02 28.19 12.73
C ASN B 6 -6.17 28.30 11.21
N PHE B 7 -6.72 27.25 10.59
CA PHE B 7 -6.76 27.18 9.13
C PHE B 7 -8.17 27.22 8.55
N HIS B 8 -9.12 27.75 9.31
CA HIS B 8 -10.52 27.78 8.87
C HIS B 8 -10.69 28.64 7.62
N GLN B 9 -10.20 29.88 7.70
CA GLN B 9 -10.28 30.82 6.60
C GLN B 9 -9.46 30.34 5.40
N TYR B 10 -8.39 29.61 5.65
CA TYR B 10 -7.58 29.02 4.58
C TYR B 10 -8.44 28.08 3.73
N TYR B 11 -9.36 27.38 4.37
CA TYR B 11 -10.24 26.44 3.68
C TYR B 11 -11.47 27.10 3.07
N THR B 12 -12.17 27.90 3.87
CA THR B 12 -13.53 28.31 3.55
C THR B 12 -13.68 29.65 2.83
N ASN B 13 -12.65 30.49 2.86
CA ASN B 13 -12.72 31.78 2.17
C ASN B 13 -13.06 31.61 0.70
N ARG B 14 -14.14 32.23 0.26
CA ARG B 14 -14.67 32.02 -1.08
C ARG B 14 -13.91 32.81 -2.15
N ASN B 15 -12.96 33.63 -1.73
CA ASN B 15 -12.14 34.38 -2.68
C ASN B 15 -10.72 33.85 -2.78
N ASP B 16 -10.03 33.81 -1.65
CA ASP B 16 -8.63 33.40 -1.63
C ASP B 16 -8.42 32.02 -1.01
N GLY B 17 -9.39 31.57 -0.23
CA GLY B 17 -9.30 30.28 0.42
C GLY B 17 -9.41 29.12 -0.55
N LEU B 18 -9.33 27.90 -0.03
CA LEU B 18 -9.36 26.70 -0.86
C LEU B 18 -10.67 26.55 -1.61
N MET B 19 -11.78 26.85 -0.94
CA MET B 19 -13.10 26.81 -1.56
C MET B 19 -13.16 27.77 -2.74
N GLY B 20 -12.52 28.93 -2.58
CA GLY B 20 -12.46 29.91 -3.65
C GLY B 20 -11.66 29.42 -4.84
N LYS B 21 -10.71 28.53 -4.59
CA LYS B 21 -9.87 27.99 -5.65
C LYS B 21 -10.47 26.76 -6.31
N LEU B 22 -11.37 26.09 -5.61
CA LEU B 22 -11.93 24.83 -6.10
C LEU B 22 -13.25 25.01 -6.85
N VAL B 23 -14.12 25.87 -6.32
CA VAL B 23 -15.43 26.09 -6.91
C VAL B 23 -15.34 26.82 -8.25
N LEU B 24 -16.17 26.42 -9.21
CA LEU B 24 -16.20 27.06 -10.52
C LEU B 24 -17.09 28.30 -10.49
N THR B 25 -16.81 29.24 -11.40
CA THR B 25 -17.63 30.44 -11.52
C THR B 25 -18.93 30.11 -12.26
N ASP B 26 -19.94 30.97 -12.10
CA ASP B 26 -21.22 30.80 -12.80
C ASP B 26 -21.00 30.69 -14.30
N GLU B 27 -19.90 31.27 -14.76
CA GLU B 27 -19.51 31.26 -16.16
C GLU B 27 -19.11 29.86 -16.62
N GLU B 28 -18.10 29.28 -15.97
CA GLU B 28 -17.69 27.91 -16.29
C GLU B 28 -18.85 26.92 -16.13
N LYS B 29 -19.60 27.07 -15.05
CA LYS B 29 -20.77 26.25 -14.79
C LYS B 29 -21.76 26.28 -15.96
N ASN B 30 -22.04 27.50 -16.43
CA ASN B 30 -22.99 27.67 -17.51
C ASN B 30 -22.39 27.18 -18.82
N ASN B 31 -21.07 27.14 -18.87
CA ASN B 31 -20.35 26.67 -20.03
C ASN B 31 -20.40 25.16 -20.08
N LEU B 32 -20.59 24.54 -18.92
CA LEU B 32 -20.69 23.10 -18.84
C LEU B 32 -22.12 22.68 -19.15
N LYS B 33 -23.07 23.49 -18.68
CA LYS B 33 -24.48 23.21 -18.95
C LYS B 33 -24.80 23.41 -20.42
N ALA B 34 -24.07 24.32 -21.06
CA ALA B 34 -24.28 24.56 -22.48
C ALA B 34 -23.81 23.35 -23.29
N LEU B 35 -22.65 22.81 -22.90
CA LEU B 35 -22.10 21.64 -23.56
C LEU B 35 -23.03 20.44 -23.37
N ARG B 36 -23.59 20.33 -22.17
CA ARG B 36 -24.50 19.24 -21.87
C ARG B 36 -25.76 19.35 -22.73
N LYS B 37 -26.22 20.59 -22.90
CA LYS B 37 -27.42 20.83 -23.69
C LYS B 37 -27.16 20.50 -25.15
N ILE B 38 -25.93 20.76 -25.61
CA ILE B 38 -25.54 20.42 -26.98
C ILE B 38 -25.59 18.91 -27.19
N ILE B 39 -24.97 18.18 -26.26
CA ILE B 39 -24.93 16.72 -26.35
C ILE B 39 -26.34 16.14 -26.35
N ARG B 40 -27.20 16.66 -25.48
CA ARG B 40 -28.58 16.16 -25.39
C ARG B 40 -29.35 16.43 -26.67
N LEU B 41 -29.24 17.66 -27.20
CA LEU B 41 -29.94 18.01 -28.42
C LEU B 41 -29.52 17.10 -29.58
N ARG B 42 -28.22 16.81 -29.65
CA ARG B 42 -27.72 15.97 -30.73
C ARG B 42 -28.24 14.53 -30.58
N THR B 43 -28.17 14.00 -29.37
CA THR B 43 -28.65 12.65 -29.11
C THR B 43 -30.12 12.51 -29.52
N ARG B 44 -30.93 13.46 -29.10
CA ARG B 44 -32.36 13.44 -29.38
C ARG B 44 -32.63 13.57 -30.87
N ASP B 45 -31.81 14.37 -31.55
CA ASP B 45 -31.98 14.56 -32.99
C ASP B 45 -31.64 13.29 -33.77
N VAL B 46 -30.57 12.63 -33.37
CA VAL B 46 -30.15 11.41 -34.05
C VAL B 46 -31.20 10.33 -33.84
N PHE B 47 -31.75 10.28 -32.62
CA PHE B 47 -32.80 9.31 -32.34
C PHE B 47 -34.05 9.62 -33.16
N GLU B 48 -34.31 10.91 -33.40
CA GLU B 48 -35.45 11.29 -34.22
C GLU B 48 -35.24 10.87 -35.68
N GLU B 49 -33.98 10.86 -36.11
CA GLU B 49 -33.66 10.47 -37.47
C GLU B 49 -33.82 8.95 -37.65
N ALA B 50 -33.34 8.21 -36.66
CA ALA B 50 -33.45 6.75 -36.70
C ALA B 50 -34.92 6.36 -36.65
N LYS B 51 -35.68 7.08 -35.83
CA LYS B 51 -37.12 6.83 -35.73
C LYS B 51 -37.81 7.21 -37.03
N GLY B 52 -37.26 8.18 -37.76
CA GLY B 52 -37.83 8.54 -39.05
C GLY B 52 -37.63 7.42 -40.06
N ILE B 53 -36.44 6.82 -40.04
CA ILE B 53 -36.15 5.72 -40.96
C ILE B 53 -37.03 4.51 -40.63
N ALA B 54 -37.04 4.11 -39.36
CA ALA B 54 -37.83 2.97 -38.94
C ALA B 54 -39.32 3.22 -39.17
N LYS B 55 -39.72 4.48 -39.11
CA LYS B 55 -41.11 4.86 -39.37
C LYS B 55 -41.41 4.69 -40.86
N ALA B 56 -40.38 4.88 -41.68
CA ALA B 56 -40.56 4.71 -43.12
C ALA B 56 -40.61 3.22 -43.46
N VAL B 57 -39.87 2.40 -42.71
CA VAL B 57 -39.87 0.95 -42.92
C VAL B 57 -41.21 0.30 -42.59
N LYS B 58 -41.80 0.68 -41.46
CA LYS B 58 -43.09 0.17 -41.04
C LYS B 58 -44.21 0.55 -42.01
N LYS B 59 -44.11 1.76 -42.55
CA LYS B 59 -45.16 2.36 -43.38
C LYS B 59 -45.28 1.72 -44.77
N SER B 60 -44.27 0.96 -45.18
CA SER B 60 -44.23 0.38 -46.52
C SER B 60 -43.03 -0.55 -46.64
N ALA B 61 -43.13 -1.53 -47.52
CA ALA B 61 -42.04 -2.48 -47.71
C ALA B 61 -40.74 -1.79 -48.16
N LEU B 62 -39.71 -1.88 -47.34
CA LEU B 62 -38.41 -1.28 -47.63
C LEU B 62 -37.28 -2.29 -47.64
N THR B 63 -36.55 -2.29 -48.74
CA THR B 63 -35.35 -3.10 -48.93
C THR B 63 -34.31 -2.71 -47.91
N PHE B 64 -33.32 -3.58 -47.73
CA PHE B 64 -32.20 -3.25 -46.88
C PHE B 64 -31.27 -2.27 -47.60
N GLU B 65 -31.33 -2.26 -48.94
CA GLU B 65 -30.49 -1.35 -49.73
C GLU B 65 -30.88 0.07 -49.39
N ILE B 66 -32.20 0.30 -49.37
CA ILE B 66 -32.76 1.61 -49.11
C ILE B 66 -32.45 2.04 -47.69
N ILE B 67 -32.75 1.18 -46.71
CA ILE B 67 -32.43 1.48 -45.32
C ILE B 67 -30.95 1.84 -45.16
N GLN B 68 -30.09 1.22 -45.96
CA GLN B 68 -28.66 1.45 -45.82
C GLN B 68 -28.31 2.77 -46.49
N GLU B 69 -29.14 3.22 -47.43
CA GLU B 69 -28.90 4.51 -48.06
C GLU B 69 -29.46 5.67 -47.23
N LYS B 70 -30.59 5.44 -46.57
CA LYS B 70 -31.21 6.44 -45.71
C LYS B 70 -30.39 6.65 -44.45
N VAL B 71 -29.81 5.59 -43.91
CA VAL B 71 -28.95 5.76 -42.73
C VAL B 71 -27.71 6.59 -43.07
N SER B 72 -27.21 6.43 -44.30
CA SER B 72 -25.97 7.08 -44.70
C SER B 72 -26.13 8.59 -44.99
N THR B 73 -27.36 9.10 -44.89
CA THR B 73 -27.59 10.51 -45.15
C THR B 73 -27.96 11.24 -43.85
N THR B 74 -28.10 10.46 -42.78
CA THR B 74 -28.40 11.01 -41.47
C THR B 74 -27.09 11.20 -40.73
N GLN B 75 -27.13 11.79 -39.52
CA GLN B 75 -25.92 12.01 -38.75
C GLN B 75 -25.19 10.70 -38.42
N ILE B 76 -25.90 9.59 -38.56
CA ILE B 76 -25.33 8.26 -38.33
C ILE B 76 -24.23 7.97 -39.36
N LYS B 77 -24.09 8.87 -40.33
CA LYS B 77 -23.03 8.77 -41.33
C LYS B 77 -21.68 9.08 -40.71
N HIS B 78 -21.67 9.45 -39.43
CA HIS B 78 -20.41 9.76 -38.75
C HIS B 78 -19.84 8.52 -38.08
N LEU B 79 -20.58 7.42 -38.18
CA LEU B 79 -20.08 6.12 -37.74
C LEU B 79 -19.25 5.49 -38.85
N SER B 80 -18.57 4.39 -38.55
CA SER B 80 -17.79 3.68 -39.54
C SER B 80 -18.72 3.01 -40.54
N ASP B 81 -18.22 2.73 -41.74
CA ASP B 81 -19.02 2.10 -42.79
C ASP B 81 -19.65 0.80 -42.29
N SER B 82 -18.91 0.06 -41.48
CA SER B 82 -19.41 -1.17 -40.90
C SER B 82 -20.48 -0.89 -39.84
N GLU B 83 -20.23 0.10 -38.99
CA GLU B 83 -21.18 0.48 -37.94
C GLU B 83 -22.52 0.92 -38.51
N GLN B 84 -22.48 1.75 -39.56
CA GLN B 84 -23.68 2.20 -40.25
C GLN B 84 -24.45 0.98 -40.74
N ARG B 85 -23.70 0.01 -41.24
CA ARG B 85 -24.30 -1.21 -41.77
C ARG B 85 -25.01 -2.01 -40.69
N GLU B 86 -24.40 -2.17 -39.52
CA GLU B 86 -25.08 -2.86 -38.44
C GLU B 86 -26.31 -2.09 -38.01
N VAL B 87 -26.22 -0.77 -37.99
CA VAL B 87 -27.39 0.02 -37.59
C VAL B 87 -28.55 -0.23 -38.55
N ALA B 88 -28.23 -0.31 -39.83
CA ALA B 88 -29.25 -0.52 -40.85
C ALA B 88 -29.82 -1.93 -40.73
N LYS B 89 -28.94 -2.90 -40.51
CA LYS B 89 -29.32 -4.29 -40.27
C LYS B 89 -30.30 -4.42 -39.10
N LEU B 90 -29.90 -3.89 -37.94
CA LEU B 90 -30.72 -3.93 -36.73
C LEU B 90 -32.06 -3.24 -36.94
N ILE B 91 -32.07 -2.18 -37.75
CA ILE B 91 -33.33 -1.49 -38.04
C ILE B 91 -34.23 -2.36 -38.94
N TYR B 92 -33.60 -3.06 -39.88
CA TYR B 92 -34.33 -3.87 -40.86
C TYR B 92 -34.85 -5.19 -40.29
N GLU B 93 -34.11 -5.77 -39.35
CA GLU B 93 -34.46 -7.06 -38.76
C GLU B 93 -35.38 -6.95 -37.55
N MET B 94 -35.95 -5.77 -37.35
CA MET B 94 -36.82 -5.51 -36.21
C MET B 94 -38.18 -6.16 -36.41
N ASP B 95 -38.68 -6.87 -35.39
CA ASP B 95 -40.05 -7.37 -35.48
C ASP B 95 -40.97 -6.16 -35.39
N ASP B 96 -42.12 -6.23 -36.05
CA ASP B 96 -43.07 -5.12 -36.09
C ASP B 96 -43.33 -4.49 -34.71
N ASP B 97 -43.48 -5.35 -33.71
CA ASP B 97 -43.74 -4.92 -32.33
C ASP B 97 -42.65 -4.03 -31.75
N ALA B 98 -41.43 -4.56 -31.62
CA ALA B 98 -40.30 -3.76 -31.13
C ALA B 98 -40.09 -2.51 -31.97
N ARG B 99 -40.36 -2.61 -33.27
CA ARG B 99 -40.27 -1.44 -34.13
C ARG B 99 -41.30 -0.41 -33.71
N ASP B 100 -42.45 -0.88 -33.24
CA ASP B 100 -43.50 0.01 -32.74
C ASP B 100 -43.08 0.62 -31.40
N GLU B 101 -42.32 -0.16 -30.63
CA GLU B 101 -41.83 0.28 -29.33
C GLU B 101 -40.70 1.29 -29.50
N PHE B 102 -40.08 1.27 -30.67
CA PHE B 102 -38.96 2.14 -31.01
C PHE B 102 -39.47 3.49 -31.51
N LEU B 103 -40.61 3.47 -32.19
CA LEU B 103 -41.19 4.68 -32.75
C LEU B 103 -41.79 5.53 -31.63
N GLY B 104 -41.91 4.94 -30.45
CA GLY B 104 -42.43 5.64 -29.29
C GLY B 104 -41.36 5.85 -28.25
N LEU B 105 -40.11 5.61 -28.65
CA LEU B 105 -38.98 5.76 -27.74
C LEU B 105 -38.31 7.13 -27.90
N THR B 106 -38.44 7.97 -26.88
CA THR B 106 -37.70 9.23 -26.84
C THR B 106 -36.77 9.21 -25.63
N PRO B 107 -35.46 9.42 -25.87
CA PRO B 107 -34.51 9.32 -24.77
C PRO B 107 -34.62 10.48 -23.78
N ARG B 108 -34.32 10.20 -22.52
CA ARG B 108 -34.37 11.21 -21.47
C ARG B 108 -32.96 11.44 -20.97
N PHE B 109 -32.78 12.45 -20.11
CA PHE B 109 -31.44 12.76 -19.64
C PHE B 109 -31.43 13.14 -18.17
N TRP B 110 -30.41 12.70 -17.45
CA TRP B 110 -30.24 13.09 -16.06
C TRP B 110 -28.77 13.10 -15.66
N THR B 111 -28.33 14.22 -15.10
CA THR B 111 -26.94 14.39 -14.73
C THR B 111 -26.66 13.73 -13.38
N GLN B 112 -25.46 13.15 -13.26
CA GLN B 112 -25.02 12.50 -12.03
C GLN B 112 -23.60 12.95 -11.73
N GLY B 113 -23.09 12.57 -10.56
CA GLY B 113 -21.73 12.91 -10.19
C GLY B 113 -21.60 14.27 -9.53
N SER B 114 -20.38 14.79 -9.51
CA SER B 114 -20.06 16.07 -8.88
C SER B 114 -20.92 17.24 -9.36
N PHE B 115 -21.18 17.30 -10.66
CA PHE B 115 -21.96 18.39 -11.22
C PHE B 115 -23.41 18.34 -10.74
N GLN B 116 -23.85 17.16 -10.33
CA GLN B 116 -25.20 17.00 -9.82
C GLN B 116 -25.32 17.36 -8.34
N TYR B 117 -24.42 16.84 -7.50
CA TYR B 117 -24.47 17.15 -6.08
C TYR B 117 -23.41 18.17 -5.64
N ASP B 118 -22.93 18.96 -6.60
CA ASP B 118 -22.14 20.17 -6.30
C ASP B 118 -20.83 19.89 -5.57
N THR B 119 -19.98 19.05 -6.17
CA THR B 119 -18.66 18.79 -5.61
C THR B 119 -17.61 18.83 -6.71
N LEU B 120 -17.94 19.50 -7.81
CA LEU B 120 -17.04 19.59 -8.95
C LEU B 120 -15.93 20.59 -8.69
N ASN B 121 -14.71 20.09 -8.58
CA ASN B 121 -13.56 20.94 -8.34
C ASN B 121 -12.87 21.36 -9.63
N ARG B 122 -12.20 22.51 -9.58
CA ARG B 122 -11.37 22.95 -10.68
C ARG B 122 -10.16 22.05 -10.75
N PRO B 123 -9.83 21.55 -11.95
CA PRO B 123 -8.71 20.63 -12.08
C PRO B 123 -7.40 21.31 -11.69
N PHE B 124 -6.43 20.52 -11.24
CA PHE B 124 -5.20 21.08 -10.69
C PHE B 124 -4.00 20.82 -11.61
N GLN B 125 -3.64 19.55 -11.74
CA GLN B 125 -2.50 19.15 -12.54
C GLN B 125 -2.92 18.93 -13.98
N PRO B 126 -1.97 19.07 -14.92
CA PRO B 126 -2.26 18.81 -16.34
C PRO B 126 -2.73 17.37 -16.56
N GLY B 127 -3.77 17.21 -17.38
CA GLY B 127 -4.35 15.89 -17.61
C GLY B 127 -5.64 15.72 -16.82
N GLN B 128 -5.76 16.47 -15.73
CA GLN B 128 -6.97 16.44 -14.92
C GLN B 128 -8.02 17.34 -15.56
N GLU B 129 -9.26 16.87 -15.62
CA GLU B 129 -10.29 17.63 -16.32
C GLU B 129 -11.59 17.72 -15.52
N MET B 130 -12.42 18.70 -15.88
CA MET B 130 -13.75 18.82 -15.32
C MET B 130 -14.59 17.70 -15.92
N ASP B 131 -15.28 16.95 -15.08
CA ASP B 131 -16.02 15.78 -15.53
C ASP B 131 -17.52 15.99 -15.42
N ILE B 132 -18.23 15.92 -16.55
CA ILE B 132 -19.69 16.00 -16.51
C ILE B 132 -20.31 14.68 -16.93
N ASP B 133 -20.97 14.00 -16.02
CA ASP B 133 -21.61 12.73 -16.35
C ASP B 133 -23.10 12.96 -16.58
N ASP B 134 -23.51 12.91 -17.83
CA ASP B 134 -24.90 13.10 -18.19
C ASP B 134 -25.47 11.81 -18.74
N GLY B 135 -26.29 11.14 -17.94
CA GLY B 135 -26.84 9.86 -18.33
C GLY B 135 -28.01 9.96 -19.29
N THR B 136 -28.04 9.06 -20.26
CA THR B 136 -29.13 8.97 -21.21
C THR B 136 -30.01 7.78 -20.88
N TYR B 137 -31.30 8.04 -20.69
CA TYR B 137 -32.23 7.01 -20.24
C TYR B 137 -33.18 6.57 -21.35
N MET B 138 -33.40 5.26 -21.44
CA MET B 138 -34.24 4.67 -22.46
C MET B 138 -35.48 4.06 -21.83
N PRO B 139 -36.62 4.75 -21.97
CA PRO B 139 -37.88 4.17 -21.51
C PRO B 139 -38.25 2.97 -22.36
N MET B 140 -37.96 1.78 -21.84
CA MET B 140 -38.25 0.53 -22.52
C MET B 140 -39.08 -0.36 -21.61
N PRO B 141 -39.89 -1.25 -22.20
CA PRO B 141 -40.71 -2.19 -21.42
C PRO B 141 -39.88 -3.20 -20.63
N ILE B 142 -40.56 -4.16 -20.00
CA ILE B 142 -39.91 -5.21 -19.23
C ILE B 142 -39.13 -4.64 -18.05
N GLY B 150 -33.03 -3.21 -28.67
CA GLY B 150 -31.70 -3.73 -28.90
C GLY B 150 -30.63 -2.93 -28.18
N HIS B 151 -29.74 -3.63 -27.50
CA HIS B 151 -28.64 -3.00 -26.78
C HIS B 151 -27.62 -2.41 -27.77
N SER B 152 -27.42 -3.15 -28.86
CA SER B 152 -26.45 -2.77 -29.87
C SER B 152 -26.90 -1.50 -30.58
N LEU B 153 -28.20 -1.41 -30.86
CA LEU B 153 -28.74 -0.25 -31.55
C LEU B 153 -28.62 1.01 -30.70
N LEU B 154 -29.03 0.90 -29.44
CA LEU B 154 -28.94 2.03 -28.51
C LEU B 154 -27.50 2.54 -28.40
N ILE B 155 -26.57 1.61 -28.17
CA ILE B 155 -25.16 1.99 -28.06
C ILE B 155 -24.68 2.67 -29.35
N LEU B 156 -25.13 2.12 -30.48
CA LEU B 156 -24.71 2.64 -31.78
C LEU B 156 -25.25 4.03 -32.08
N LEU B 157 -26.47 4.31 -31.62
CA LEU B 157 -27.09 5.62 -31.85
C LEU B 157 -26.48 6.68 -30.95
N VAL B 158 -26.16 6.31 -29.71
CA VAL B 158 -25.56 7.29 -28.81
C VAL B 158 -24.14 7.58 -29.30
N ASP B 159 -23.49 6.55 -29.80
CA ASP B 159 -22.16 6.70 -30.37
C ASP B 159 -22.22 7.57 -31.61
N ALA B 160 -23.28 7.41 -32.39
CA ALA B 160 -23.47 8.20 -33.59
C ALA B 160 -23.65 9.67 -33.25
N SER B 161 -24.37 9.93 -32.16
CA SER B 161 -24.58 11.31 -31.71
C SER B 161 -23.25 11.94 -31.30
N LEU B 162 -22.53 11.25 -30.43
CA LEU B 162 -21.28 11.79 -29.90
C LEU B 162 -20.26 12.03 -31.01
N LYS B 163 -20.07 11.03 -31.87
CA LYS B 163 -19.11 11.16 -32.97
C LYS B 163 -19.56 12.23 -33.98
N SER B 164 -20.87 12.39 -34.13
CA SER B 164 -21.38 13.43 -35.03
C SER B 164 -21.04 14.80 -34.46
N LEU B 165 -21.00 14.89 -33.13
CA LEU B 165 -20.59 16.14 -32.50
C LEU B 165 -19.09 16.36 -32.57
N VAL B 166 -18.33 15.27 -32.49
CA VAL B 166 -16.87 15.36 -32.57
C VAL B 166 -16.43 15.80 -33.96
N ALA B 167 -17.17 15.38 -34.98
CA ALA B 167 -16.83 15.72 -36.36
C ALA B 167 -17.08 17.19 -36.67
N GLU B 168 -17.65 17.91 -35.71
CA GLU B 168 -18.01 19.31 -35.91
C GLU B 168 -17.12 20.29 -35.13
N ASN B 169 -16.19 19.75 -34.36
CA ASN B 169 -15.39 20.58 -33.46
C ASN B 169 -13.91 20.20 -33.42
N HIS B 170 -13.05 21.15 -33.80
CA HIS B 170 -11.62 20.98 -33.63
C HIS B 170 -11.28 20.82 -32.16
N GLY B 171 -10.44 19.83 -31.84
CA GLY B 171 -10.00 19.63 -30.48
C GLY B 171 -10.82 18.60 -29.71
N TRP B 172 -11.98 18.26 -30.25
CA TRP B 172 -12.84 17.25 -29.63
C TRP B 172 -12.40 15.84 -30.00
N LYS B 173 -12.57 14.91 -29.08
CA LYS B 173 -12.21 13.52 -29.34
C LYS B 173 -13.24 12.58 -28.74
N PHE B 174 -13.51 11.47 -29.42
CA PHE B 174 -14.43 10.48 -28.88
C PHE B 174 -13.65 9.35 -28.25
N GLU B 175 -14.07 8.93 -27.07
CA GLU B 175 -13.43 7.82 -26.39
C GLU B 175 -14.49 6.84 -25.90
N ALA B 176 -14.33 5.57 -26.23
CA ALA B 176 -15.29 4.57 -25.80
C ALA B 176 -14.85 3.96 -24.47
N LYS B 177 -15.68 4.09 -23.45
CA LYS B 177 -15.39 3.48 -22.17
C LYS B 177 -16.47 2.46 -21.81
N GLN B 178 -16.13 1.54 -20.92
CA GLN B 178 -16.97 0.39 -20.65
C GLN B 178 -18.36 0.78 -20.16
N THR B 179 -18.43 1.81 -19.34
CA THR B 179 -19.70 2.22 -18.78
C THR B 179 -20.33 3.39 -19.54
N CYS B 180 -19.63 3.92 -20.55
CA CYS B 180 -20.13 5.15 -21.18
C CYS B 180 -19.39 5.55 -22.45
N GLY B 181 -20.02 6.44 -23.24
CA GLY B 181 -19.33 7.05 -24.36
C GLY B 181 -18.81 8.39 -23.85
N ARG B 182 -17.68 8.86 -24.36
CA ARG B 182 -17.10 10.08 -23.81
C ARG B 182 -16.62 11.06 -24.87
N ILE B 183 -16.84 12.35 -24.60
CA ILE B 183 -16.28 13.40 -25.45
C ILE B 183 -15.25 14.20 -24.66
N LYS B 184 -14.02 14.18 -25.15
CA LYS B 184 -12.90 14.84 -24.50
C LYS B 184 -12.52 16.13 -25.21
N ILE B 185 -12.35 17.19 -24.43
CA ILE B 185 -11.88 18.48 -24.93
C ILE B 185 -10.65 18.86 -24.12
N GLU B 186 -9.55 18.16 -24.42
CA GLU B 186 -8.25 18.35 -23.78
C GLU B 186 -7.89 19.82 -23.54
N ALA B 187 -8.09 20.65 -24.56
CA ALA B 187 -7.69 22.06 -24.52
C ALA B 187 -8.53 22.90 -23.55
N GLU B 188 -9.72 22.41 -23.21
CA GLU B 188 -10.58 23.16 -22.30
C GLU B 188 -10.70 22.45 -20.95
N LYS B 189 -9.79 21.51 -20.70
CA LYS B 189 -9.72 20.76 -19.44
C LYS B 189 -11.08 20.20 -19.03
N THR B 190 -11.85 19.73 -20.01
CA THR B 190 -13.21 19.28 -19.77
C THR B 190 -13.50 17.99 -20.55
N HIS B 191 -14.30 17.11 -19.96
CA HIS B 191 -14.83 15.98 -20.70
C HIS B 191 -16.21 15.58 -20.18
N ILE B 192 -17.02 15.06 -21.10
CA ILE B 192 -18.37 14.67 -20.76
C ILE B 192 -18.58 13.17 -21.00
N ASP B 193 -18.99 12.50 -19.94
CA ASP B 193 -19.29 11.07 -19.97
C ASP B 193 -20.78 10.89 -20.13
N VAL B 194 -21.16 9.99 -21.02
CA VAL B 194 -22.54 9.67 -21.29
C VAL B 194 -22.76 8.19 -21.06
N PRO B 195 -23.14 7.82 -19.83
CA PRO B 195 -23.59 6.47 -19.52
C PRO B 195 -25.02 6.26 -20.03
N MET B 196 -25.40 5.01 -20.29
CA MET B 196 -26.71 4.75 -20.85
C MET B 196 -27.47 3.76 -19.98
N TYR B 197 -28.74 4.08 -19.73
CA TYR B 197 -29.55 3.29 -18.84
C TYR B 197 -30.83 2.86 -19.51
N ALA B 198 -31.35 1.70 -19.10
CA ALA B 198 -32.69 1.28 -19.50
C ALA B 198 -33.61 1.43 -18.30
N ILE B 199 -34.79 2.00 -18.51
CA ILE B 199 -35.73 2.19 -17.42
C ILE B 199 -37.11 1.76 -17.83
N PRO B 200 -37.92 1.26 -16.88
CA PRO B 200 -39.27 0.83 -17.23
C PRO B 200 -40.12 1.97 -17.77
N LYS B 201 -40.75 1.76 -18.93
CA LYS B 201 -41.52 2.80 -19.61
C LYS B 201 -42.78 3.16 -18.85
N ASP B 202 -43.57 2.15 -18.54
CA ASP B 202 -44.85 2.30 -17.86
C ASP B 202 -44.70 3.13 -16.58
N GLU B 203 -43.76 2.72 -15.74
CA GLU B 203 -43.43 3.46 -14.52
C GLU B 203 -43.04 4.90 -14.79
N PHE B 204 -42.20 5.09 -15.82
CA PHE B 204 -41.72 6.42 -16.17
C PHE B 204 -42.86 7.31 -16.65
N ASP B 241 -37.74 2.60 -9.33
CA ASP B 241 -37.24 1.45 -8.57
C ASP B 241 -35.92 0.92 -9.13
N SER B 242 -34.87 1.01 -8.32
CA SER B 242 -33.52 0.57 -8.70
C SER B 242 -33.51 -0.82 -9.34
N GLU B 243 -34.37 -1.73 -8.88
CA GLU B 243 -34.40 -3.11 -9.38
C GLU B 243 -34.53 -3.23 -10.91
N ASN B 244 -34.90 -2.13 -11.57
CA ASN B 244 -35.08 -2.15 -13.02
C ASN B 244 -34.28 -1.07 -13.75
N VAL B 245 -33.47 -0.33 -13.01
CA VAL B 245 -32.58 0.64 -13.64
C VAL B 245 -31.28 -0.04 -14.06
N ASN B 246 -31.17 -0.35 -15.34
CA ASN B 246 -30.02 -1.09 -15.86
C ASN B 246 -29.05 -0.22 -16.65
N LEU B 247 -27.78 -0.30 -16.27
CA LEU B 247 -26.71 0.37 -16.97
C LEU B 247 -26.17 -0.56 -18.05
N ALA B 248 -26.05 -0.03 -19.27
CA ALA B 248 -25.57 -0.81 -20.40
C ALA B 248 -24.05 -0.90 -20.37
N LEU B 249 -23.52 -2.09 -20.65
CA LEU B 249 -22.08 -2.30 -20.68
C LEU B 249 -21.61 -2.56 -22.10
N ARG B 250 -20.48 -1.97 -22.45
CA ARG B 250 -19.96 -2.06 -23.81
C ARG B 250 -19.36 -3.44 -24.09
N GLU B 251 -18.51 -3.91 -23.18
CA GLU B 251 -17.82 -5.18 -23.36
C GLU B 251 -18.12 -6.19 -22.26
N GLY B 252 -17.81 -7.45 -22.54
CA GLY B 252 -17.99 -8.53 -21.59
C GLY B 252 -19.21 -9.35 -21.97
N ASP B 253 -19.45 -10.42 -21.23
CA ASP B 253 -20.60 -11.28 -21.49
C ASP B 253 -21.90 -10.64 -21.01
N ARG B 254 -21.80 -9.81 -19.99
CA ARG B 254 -22.97 -9.12 -19.44
C ARG B 254 -23.17 -7.77 -20.13
N LYS B 255 -24.39 -7.53 -20.62
CA LYS B 255 -24.69 -6.31 -21.37
C LYS B 255 -25.39 -5.26 -20.50
N TRP B 256 -26.05 -5.72 -19.44
CA TRP B 256 -26.72 -4.82 -18.51
C TRP B 256 -26.41 -5.17 -17.07
N ILE B 257 -26.46 -4.17 -16.19
CA ILE B 257 -26.28 -4.38 -14.74
C ILE B 257 -27.10 -3.38 -13.94
N ASN B 258 -27.80 -3.87 -12.91
CA ASN B 258 -28.61 -2.99 -12.09
C ASN B 258 -27.77 -1.94 -11.40
N SER B 259 -27.88 -0.69 -11.87
CA SER B 259 -27.15 0.42 -11.28
C SER B 259 -27.93 1.72 -11.42
N ASP B 260 -28.44 2.22 -10.31
CA ASP B 260 -29.19 3.46 -10.27
C ASP B 260 -28.36 4.55 -9.59
N PRO B 261 -27.98 5.60 -10.33
CA PRO B 261 -27.14 6.63 -9.73
C PRO B 261 -27.85 7.51 -8.71
N LYS B 262 -29.18 7.54 -8.76
CA LYS B 262 -29.94 8.36 -7.83
C LYS B 262 -29.84 7.81 -6.41
N ILE B 263 -29.36 6.58 -6.30
CA ILE B 263 -29.10 6.00 -5.00
C ILE B 263 -27.94 6.74 -4.36
N VAL B 264 -26.88 6.98 -5.15
CA VAL B 264 -25.71 7.68 -4.62
C VAL B 264 -26.03 9.15 -4.42
N GLU B 265 -26.79 9.72 -5.35
CA GLU B 265 -27.16 11.12 -5.28
C GLU B 265 -28.01 11.42 -4.05
N ASP B 266 -28.97 10.55 -3.76
CA ASP B 266 -29.85 10.78 -2.62
C ASP B 266 -29.08 10.63 -1.32
N TRP B 267 -28.28 9.57 -1.23
CA TRP B 267 -27.53 9.27 -0.02
C TRP B 267 -26.68 10.46 0.38
N PHE B 268 -25.91 10.97 -0.57
CA PHE B 268 -25.01 12.07 -0.27
C PHE B 268 -25.84 13.28 0.09
N ASN B 269 -26.93 13.50 -0.64
CA ASN B 269 -27.78 14.64 -0.37
C ASN B 269 -28.33 14.50 1.03
N ASP B 270 -28.75 13.28 1.37
CA ASP B 270 -29.29 13.04 2.69
C ASP B 270 -28.22 13.35 3.72
N SER B 271 -27.01 12.87 3.46
CA SER B 271 -25.92 13.07 4.40
C SER B 271 -25.67 14.56 4.59
N CYS B 272 -25.83 15.32 3.51
CA CYS B 272 -25.54 16.74 3.57
C CYS B 272 -26.52 17.41 4.50
N ILE B 273 -27.76 16.95 4.48
CA ILE B 273 -28.74 17.48 5.40
C ILE B 273 -28.44 16.99 6.81
N ARG B 274 -28.11 15.70 6.92
CA ARG B 274 -27.84 15.11 8.24
C ARG B 274 -26.60 15.70 8.91
N ILE B 275 -25.48 15.67 8.19
CA ILE B 275 -24.21 16.11 8.74
C ILE B 275 -24.05 17.62 8.73
N GLY B 276 -24.36 18.25 7.59
CA GLY B 276 -24.29 19.70 7.50
C GLY B 276 -23.67 20.25 6.22
N LYS B 277 -23.59 21.57 6.14
CA LYS B 277 -23.09 22.26 4.95
C LYS B 277 -21.60 22.03 4.73
N HIS B 278 -20.90 21.60 5.78
CA HIS B 278 -19.45 21.46 5.74
C HIS B 278 -19.01 20.14 5.09
N LEU B 279 -19.94 19.20 4.97
CA LEU B 279 -19.64 17.90 4.37
C LEU B 279 -19.19 18.04 2.92
N ARG B 280 -19.92 18.84 2.16
CA ARG B 280 -19.62 19.06 0.75
C ARG B 280 -18.25 19.71 0.63
N LYS B 281 -17.95 20.59 1.58
CA LYS B 281 -16.69 21.31 1.61
C LYS B 281 -15.51 20.39 1.88
N VAL B 282 -15.59 19.60 2.94
CA VAL B 282 -14.50 18.69 3.29
C VAL B 282 -14.36 17.59 2.23
N CYS B 283 -15.44 17.29 1.51
CA CYS B 283 -15.36 16.33 0.42
C CYS B 283 -14.60 16.97 -0.74
N ARG B 284 -14.81 18.27 -0.91
CA ARG B 284 -14.09 19.01 -1.95
C ARG B 284 -12.61 19.08 -1.60
N PHE B 285 -12.31 19.24 -0.32
CA PHE B 285 -10.95 19.35 0.16
C PHE B 285 -10.23 18.01 0.02
N MET B 286 -10.95 16.93 0.28
CA MET B 286 -10.35 15.60 0.16
C MET B 286 -10.10 15.27 -1.30
N LYS B 287 -11.02 15.70 -2.16
CA LYS B 287 -10.85 15.47 -3.59
C LYS B 287 -9.70 16.31 -4.14
N ALA B 288 -9.51 17.50 -3.58
CA ALA B 288 -8.42 18.36 -3.98
C ALA B 288 -7.08 17.80 -3.51
N TRP B 289 -7.09 17.15 -2.33
CA TRP B 289 -5.90 16.51 -1.80
C TRP B 289 -5.52 15.37 -2.73
N ARG B 290 -6.52 14.58 -3.10
CA ARG B 290 -6.31 13.47 -4.03
C ARG B 290 -5.76 13.98 -5.35
N ASP B 291 -6.30 15.11 -5.80
CA ASP B 291 -5.86 15.72 -7.05
C ASP B 291 -4.44 16.26 -6.94
N ALA B 292 -3.99 16.55 -5.72
CA ALA B 292 -2.67 17.13 -5.51
C ALA B 292 -1.60 16.06 -5.30
N GLN B 293 -2.00 14.89 -4.82
CA GLN B 293 -1.03 13.82 -4.55
C GLN B 293 -0.84 12.91 -5.75
N TRP B 294 -1.82 12.91 -6.65
CA TRP B 294 -1.74 12.12 -7.87
C TRP B 294 -2.18 12.93 -9.07
N ASP B 295 -1.32 13.05 -10.08
CA ASP B 295 -1.73 13.69 -11.33
C ASP B 295 -2.78 12.81 -11.98
N VAL B 296 -2.59 11.49 -11.84
CA VAL B 296 -3.59 10.51 -12.27
C VAL B 296 -3.61 9.37 -11.26
N GLY B 297 -4.82 8.92 -10.91
CA GLY B 297 -4.98 7.84 -9.96
C GLY B 297 -5.35 8.31 -8.57
N GLY B 298 -5.15 7.45 -7.58
CA GLY B 298 -5.55 7.75 -6.22
C GLY B 298 -6.90 7.11 -5.94
N PRO B 299 -7.40 7.28 -4.71
CA PRO B 299 -8.72 6.73 -4.39
C PRO B 299 -9.84 7.45 -5.15
N SER B 300 -10.92 6.74 -5.44
CA SER B 300 -12.05 7.33 -6.15
C SER B 300 -12.71 8.40 -5.29
N SER B 301 -13.33 9.37 -5.94
CA SER B 301 -14.00 10.46 -5.23
C SER B 301 -15.12 9.93 -4.33
N ILE B 302 -15.86 8.95 -4.84
CA ILE B 302 -17.01 8.41 -4.12
C ILE B 302 -16.59 7.63 -2.87
N SER B 303 -15.40 7.05 -2.90
CA SER B 303 -14.90 6.31 -1.74
C SER B 303 -14.45 7.27 -0.64
N LEU B 304 -13.88 8.39 -1.06
CA LEU B 304 -13.45 9.42 -0.14
C LEU B 304 -14.68 10.07 0.48
N MET B 305 -15.73 10.17 -0.34
CA MET B 305 -17.00 10.71 0.11
C MET B 305 -17.61 9.81 1.16
N ALA B 306 -17.70 8.52 0.85
CA ALA B 306 -18.30 7.54 1.77
C ALA B 306 -17.53 7.47 3.08
N ALA B 307 -16.20 7.48 2.99
CA ALA B 307 -15.37 7.42 4.19
C ALA B 307 -15.54 8.66 5.04
N THR B 308 -15.50 9.83 4.40
CA THR B 308 -15.71 11.10 5.08
C THR B 308 -17.06 11.12 5.78
N VAL B 309 -18.08 10.57 5.14
CA VAL B 309 -19.41 10.49 5.73
C VAL B 309 -19.39 9.59 6.96
N ASN B 310 -18.76 8.42 6.84
CA ASN B 310 -18.65 7.51 7.98
C ASN B 310 -17.99 8.19 9.18
N ILE B 311 -16.94 8.95 8.91
CA ILE B 311 -16.19 9.61 9.98
C ILE B 311 -17.01 10.71 10.63
N LEU B 312 -17.61 11.58 9.80
CA LEU B 312 -18.41 12.67 10.33
C LEU B 312 -19.72 12.18 10.96
N ASP B 313 -20.06 10.92 10.72
CA ASP B 313 -21.26 10.32 11.30
C ASP B 313 -20.93 9.61 12.60
N SER B 314 -19.68 9.19 12.74
CA SER B 314 -19.28 8.41 13.92
C SER B 314 -18.29 9.14 14.82
N VAL B 315 -17.77 10.27 14.37
CA VAL B 315 -16.82 11.03 15.18
C VAL B 315 -17.32 12.45 15.45
N ALA B 316 -17.17 12.90 16.70
CA ALA B 316 -17.58 14.25 17.09
C ALA B 316 -16.64 15.27 16.46
N HIS B 317 -17.20 16.39 15.99
CA HIS B 317 -16.41 17.42 15.36
C HIS B 317 -17.08 18.80 15.45
N ASP B 318 -16.31 19.84 15.14
CA ASP B 318 -16.81 21.20 15.20
C ASP B 318 -16.85 21.82 13.80
N ALA B 319 -18.06 22.14 13.33
CA ALA B 319 -18.24 22.68 11.99
C ALA B 319 -17.81 24.15 11.90
N SER B 320 -17.72 24.83 13.04
CA SER B 320 -17.30 26.23 13.06
C SER B 320 -15.79 26.37 12.87
N ASP B 321 -15.11 25.23 12.68
CA ASP B 321 -13.68 25.21 12.46
C ASP B 321 -13.33 24.01 11.59
N LEU B 322 -13.25 24.22 10.28
CA LEU B 322 -13.04 23.14 9.33
C LEU B 322 -11.58 22.69 9.25
N GLY B 323 -10.69 23.42 9.89
CA GLY B 323 -9.31 22.99 9.97
C GLY B 323 -9.21 21.87 11.00
N GLU B 324 -9.96 22.03 12.08
CA GLU B 324 -10.04 21.02 13.13
C GLU B 324 -10.75 19.79 12.58
N THR B 325 -11.84 20.04 11.86
CA THR B 325 -12.60 18.98 11.22
C THR B 325 -11.74 18.21 10.23
N MET B 326 -10.96 18.94 9.43
CA MET B 326 -10.09 18.30 8.45
C MET B 326 -8.99 17.51 9.15
N LYS B 327 -8.57 17.99 10.32
CA LYS B 327 -7.55 17.30 11.09
C LYS B 327 -8.11 15.97 11.60
N ILE B 328 -9.37 15.99 12.02
CA ILE B 328 -10.02 14.78 12.52
C ILE B 328 -10.27 13.77 11.40
N ILE B 329 -10.75 14.28 10.26
CA ILE B 329 -10.99 13.45 9.09
C ILE B 329 -9.70 12.78 8.64
N ALA B 330 -8.65 13.58 8.52
CA ALA B 330 -7.33 13.06 8.17
C ALA B 330 -6.89 12.02 9.19
N LYS B 331 -7.22 12.26 10.45
CA LYS B 331 -6.85 11.33 11.51
C LYS B 331 -7.54 9.98 11.38
N HIS B 332 -8.77 9.98 10.86
CA HIS B 332 -9.57 8.75 10.84
C HIS B 332 -9.66 8.05 9.49
N LEU B 333 -9.20 8.69 8.42
CA LEU B 333 -9.28 8.10 7.08
C LEU B 333 -8.51 6.77 6.88
N PRO B 334 -7.24 6.69 7.35
CA PRO B 334 -6.51 5.43 7.19
C PRO B 334 -7.25 4.22 7.75
N SER B 335 -7.83 4.38 8.94
CA SER B 335 -8.60 3.33 9.57
C SER B 335 -9.78 2.93 8.69
N GLU B 336 -10.44 3.93 8.11
CA GLU B 336 -11.60 3.71 7.27
C GLU B 336 -11.25 2.95 5.99
N PHE B 337 -10.09 3.24 5.42
CA PHE B 337 -9.68 2.60 4.17
C PHE B 337 -9.06 1.23 4.39
N ALA B 338 -8.46 1.03 5.56
CA ALA B 338 -7.81 -0.25 5.86
C ALA B 338 -8.83 -1.36 6.05
N ARG B 339 -9.96 -1.03 6.65
CA ARG B 339 -11.01 -2.01 6.90
C ARG B 339 -12.01 -2.10 5.74
N GLY B 340 -11.79 -1.28 4.72
CA GLY B 340 -12.63 -1.31 3.54
C GLY B 340 -13.79 -0.32 3.56
N VAL B 341 -14.09 0.23 2.39
CA VAL B 341 -15.18 1.17 2.24
C VAL B 341 -16.32 0.56 1.44
N GLU B 342 -17.44 0.29 2.11
CA GLU B 342 -18.59 -0.29 1.42
C GLU B 342 -19.38 0.82 0.72
N SER B 343 -19.85 0.52 -0.49
CA SER B 343 -20.65 1.46 -1.24
C SER B 343 -21.96 1.71 -0.52
N PRO B 344 -22.41 2.96 -0.51
CA PRO B 344 -23.72 3.31 0.05
C PRO B 344 -24.86 2.71 -0.77
N ASP B 345 -24.49 2.05 -1.85
CA ASP B 345 -25.43 1.35 -2.72
C ASP B 345 -25.33 -0.16 -2.47
N SER B 346 -26.44 -0.76 -2.08
CA SER B 346 -26.47 -2.19 -1.78
C SER B 346 -26.50 -3.04 -3.04
N THR B 347 -26.75 -2.40 -4.18
CA THR B 347 -26.74 -3.09 -5.47
C THR B 347 -25.32 -3.25 -5.99
N ASP B 348 -24.34 -2.78 -5.23
CA ASP B 348 -22.93 -2.97 -5.58
C ASP B 348 -22.41 -4.32 -5.15
N GLU B 349 -21.76 -5.00 -6.09
CA GLU B 349 -21.21 -6.32 -5.85
C GLU B 349 -19.87 -6.19 -5.14
N LYS B 350 -19.17 -5.11 -5.42
CA LYS B 350 -17.84 -4.85 -4.88
C LYS B 350 -17.81 -3.57 -4.06
N PRO B 351 -16.97 -3.52 -3.01
CA PRO B 351 -16.88 -2.31 -2.19
C PRO B 351 -16.09 -1.22 -2.92
N LEU B 352 -16.12 0.00 -2.41
CA LEU B 352 -15.44 1.12 -3.06
C LEU B 352 -13.93 1.02 -2.91
N PHE B 353 -13.51 0.47 -1.77
CA PHE B 353 -12.10 0.24 -1.50
C PHE B 353 -11.96 -1.07 -0.74
N PRO B 354 -11.02 -1.93 -1.17
CA PRO B 354 -10.91 -3.23 -0.51
C PRO B 354 -10.25 -3.14 0.86
N PRO B 355 -10.57 -4.10 1.75
CA PRO B 355 -9.96 -4.17 3.08
C PRO B 355 -8.47 -4.47 3.00
N SER B 356 -7.76 -4.24 4.10
CA SER B 356 -6.30 -4.29 4.12
C SER B 356 -5.73 -5.63 3.66
N TYR B 357 -6.42 -6.73 3.97
CA TYR B 357 -5.90 -8.05 3.63
C TYR B 357 -5.96 -8.31 2.12
N LYS B 358 -6.51 -7.37 1.37
CA LYS B 358 -6.59 -7.51 -0.09
C LYS B 358 -5.75 -6.47 -0.81
N HIS B 359 -5.00 -5.66 -0.06
CA HIS B 359 -4.27 -4.54 -0.65
C HIS B 359 -3.05 -4.98 -1.45
N GLY B 360 -2.89 -4.36 -2.61
CA GLY B 360 -1.71 -4.55 -3.44
C GLY B 360 -0.98 -3.23 -3.49
N PRO B 361 0.01 -3.10 -4.40
CA PRO B 361 0.81 -1.87 -4.51
C PRO B 361 -0.05 -0.61 -4.64
N ARG B 362 -1.13 -0.70 -5.40
CA ARG B 362 -2.00 0.44 -5.67
C ARG B 362 -2.70 0.91 -4.40
N GLU B 363 -3.26 -0.02 -3.65
CA GLU B 363 -4.00 0.32 -2.44
C GLU B 363 -3.03 0.70 -1.31
N MET B 364 -1.85 0.10 -1.34
CA MET B 364 -0.84 0.36 -0.32
C MET B 364 -0.23 1.75 -0.49
N ASP B 365 -0.20 2.23 -1.73
CA ASP B 365 0.30 3.57 -1.99
C ASP B 365 -0.70 4.60 -1.47
N ILE B 366 -1.98 4.26 -1.61
CA ILE B 366 -3.06 5.13 -1.17
C ILE B 366 -3.08 5.18 0.35
N MET B 367 -2.78 4.05 0.99
CA MET B 367 -2.69 4.02 2.44
C MET B 367 -1.44 4.77 2.88
N SER B 368 -0.43 4.78 2.01
CA SER B 368 0.82 5.46 2.30
C SER B 368 0.63 6.97 2.35
N LYS B 369 -0.16 7.49 1.42
CA LYS B 369 -0.39 8.94 1.41
C LYS B 369 -1.45 9.36 2.43
N LEU B 370 -2.46 8.50 2.61
CA LEU B 370 -3.51 8.74 3.60
C LEU B 370 -2.92 8.79 5.01
N GLU B 371 -1.88 7.98 5.24
CA GLU B 371 -1.22 7.99 6.54
C GLU B 371 -0.36 9.24 6.68
N ARG B 372 -0.01 9.84 5.55
CA ARG B 372 0.91 10.97 5.52
C ARG B 372 0.19 12.31 5.71
N LEU B 373 -1.10 12.36 5.36
CA LEU B 373 -1.85 13.62 5.47
C LEU B 373 -1.88 14.25 6.89
N PRO B 374 -2.18 13.46 7.94
CA PRO B 374 -2.19 14.03 9.30
C PRO B 374 -0.85 14.65 9.69
N GLU B 375 0.24 13.99 9.28
CA GLU B 375 1.59 14.46 9.58
C GLU B 375 1.81 15.84 8.98
N ILE B 376 1.20 16.04 7.82
CA ILE B 376 1.31 17.29 7.09
C ILE B 376 0.50 18.39 7.78
N LEU B 377 -0.70 18.02 8.24
CA LEU B 377 -1.58 18.99 8.88
C LEU B 377 -1.02 19.40 10.24
N SER B 378 -0.33 18.47 10.88
CA SER B 378 0.28 18.73 12.18
C SER B 378 1.53 19.57 11.98
N SER B 379 2.26 19.28 10.91
CA SER B 379 3.45 20.05 10.57
C SER B 379 3.06 21.49 10.28
N ALA B 380 1.91 21.69 9.67
CA ALA B 380 1.43 23.03 9.35
C ALA B 380 0.89 23.73 10.58
N GLU B 381 0.19 22.98 11.43
CA GLU B 381 -0.38 23.53 12.66
C GLU B 381 0.68 24.11 13.59
N SER B 382 1.81 23.43 13.71
CA SER B 382 2.87 23.82 14.63
C SER B 382 4.04 24.49 13.92
N ALA B 383 3.74 25.37 12.98
CA ALA B 383 4.77 26.07 12.22
C ALA B 383 5.20 27.36 12.92
N ASP B 384 6.31 27.94 12.48
CA ASP B 384 6.89 29.09 13.16
C ASP B 384 6.34 30.41 12.63
N SER B 385 5.88 30.41 11.39
CA SER B 385 5.29 31.61 10.79
C SER B 385 4.09 31.24 9.93
N LYS B 386 3.28 32.24 9.59
CA LYS B 386 2.12 32.04 8.73
C LYS B 386 2.48 31.50 7.35
N SER B 387 3.49 32.09 6.72
CA SER B 387 3.88 31.69 5.37
C SER B 387 4.43 30.27 5.36
N GLU B 388 5.15 29.90 6.42
CA GLU B 388 5.68 28.56 6.56
C GLU B 388 4.53 27.56 6.70
N ALA B 389 3.52 27.96 7.47
CA ALA B 389 2.34 27.14 7.68
C ALA B 389 1.61 26.97 6.36
N LEU B 390 1.61 28.04 5.55
CA LEU B 390 0.98 28.00 4.24
C LEU B 390 1.70 26.99 3.37
N LYS B 391 3.03 26.97 3.44
CA LYS B 391 3.81 26.03 2.63
C LYS B 391 3.55 24.58 3.07
N LYS B 392 3.48 24.39 4.39
CA LYS B 392 3.31 23.04 4.92
C LYS B 392 1.90 22.50 4.66
N ILE B 393 0.88 23.33 4.79
CA ILE B 393 -0.47 22.87 4.47
C ILE B 393 -0.64 22.75 2.96
N ASN B 394 0.12 23.55 2.19
CA ASN B 394 0.10 23.45 0.74
C ASN B 394 0.89 22.23 0.28
N MET B 395 1.50 21.53 1.23
CA MET B 395 2.12 20.26 0.92
C MET B 395 1.06 19.18 0.73
N ALA B 396 -0.17 19.48 1.16
CA ALA B 396 -1.26 18.52 1.10
C ALA B 396 -2.28 18.83 -0.01
N PHE B 397 -2.57 20.10 -0.22
CA PHE B 397 -3.60 20.50 -1.17
C PHE B 397 -2.99 21.20 -2.38
N GLY B 398 -1.69 21.42 -2.34
CA GLY B 398 -0.97 22.02 -3.45
C GLY B 398 -0.89 23.53 -3.35
N ASN B 399 0.02 24.12 -4.11
CA ASN B 399 0.20 25.56 -4.14
C ASN B 399 -0.92 26.25 -4.91
N ARG B 400 -2.09 26.35 -4.29
CA ARG B 400 -3.25 26.98 -4.92
C ARG B 400 -3.66 28.22 -4.13
N VAL B 401 -3.64 28.11 -2.81
CA VAL B 401 -3.85 29.26 -1.93
C VAL B 401 -2.53 29.99 -1.71
N THR B 402 -2.53 31.29 -1.96
CA THR B 402 -1.30 32.07 -1.91
C THR B 402 -1.36 33.12 -0.81
N ASN B 403 -2.54 33.31 -0.23
CA ASN B 403 -2.72 34.30 0.83
C ASN B 403 -2.42 33.71 2.20
N SER B 404 -1.23 33.99 2.72
CA SER B 404 -0.82 33.48 4.02
C SER B 404 -1.53 34.18 5.17
N GLU B 405 -2.23 35.28 4.86
CA GLU B 405 -2.95 36.05 5.87
C GLU B 405 -4.29 35.39 6.22
N LEU B 406 -4.62 34.32 5.50
CA LEU B 406 -5.84 33.58 5.77
C LEU B 406 -5.66 32.69 6.99
N ILE B 407 -4.40 32.46 7.36
CA ILE B 407 -4.10 31.69 8.54
C ILE B 407 -4.00 32.65 9.72
N VAL B 408 -4.45 32.22 10.89
CA VAL B 408 -4.45 33.08 12.08
C VAL B 408 -4.02 32.31 13.32
N LEU B 409 -3.60 33.06 14.33
CA LEU B 409 -3.21 32.48 15.60
C LEU B 409 -4.43 31.88 16.30
N ALA B 410 -4.31 30.63 16.77
CA ALA B 410 -5.41 30.00 17.45
C ALA B 410 -5.66 30.72 18.76
N LYS B 411 -6.92 30.99 19.06
CA LYS B 411 -7.26 31.71 20.29
C LYS B 411 -7.05 30.84 21.53
N ALA B 412 -6.88 31.50 22.68
CA ALA B 412 -6.66 30.81 23.94
C ALA B 412 -7.98 30.48 24.63
MG MG C . 20.08 -12.32 9.60
MG MG D . 18.76 -9.57 12.83
PG G2P E . 21.97 -9.89 15.21
O1G G2P E . 22.02 -8.47 15.70
O2G G2P E . 21.36 -9.93 13.84
O3G G2P E . 23.39 -10.45 15.14
O3B G2P E . 21.11 -10.79 16.20
PB G2P E . 19.65 -11.40 15.84
O1B G2P E . 18.70 -11.22 17.01
O2B G2P E . 19.07 -10.68 14.65
C3A G2P E . 19.87 -13.14 15.47
PA G2P E . 19.65 -13.66 13.72
O1A G2P E . 20.68 -14.70 13.40
O2A G2P E . 19.82 -12.47 12.77
O5' G2P E . 18.16 -14.31 13.56
C5' G2P E . 17.03 -13.44 13.51
C4' G2P E . 15.83 -14.25 13.76
O4' G2P E . 16.02 -15.64 13.26
C3' G2P E . 15.62 -14.42 15.22
O3' G2P E . 14.85 -13.34 15.75
C2' G2P E . 14.86 -15.68 15.30
O2' G2P E . 13.43 -15.43 15.14
C1' G2P E . 15.35 -16.51 14.22
N9 G2P E . 16.26 -17.49 14.74
C8 G2P E . 17.60 -17.47 14.64
N7 G2P E . 18.10 -18.55 15.25
C5 G2P E . 17.05 -19.30 15.77
C6 G2P E . 16.98 -20.50 16.50
O6 G2P E . 18.00 -21.11 16.79
N1 G2P E . 15.79 -20.96 16.86
C2 G2P E . 14.68 -20.28 16.53
N2 G2P E . 13.42 -20.80 16.93
N3 G2P E . 14.73 -19.14 15.84
C4 G2P E . 15.91 -18.62 15.44
MG MG F . -16.86 10.20 -15.31
MG MG G . -18.20 13.03 -12.11
PG G2P H . -15.50 13.64 -9.79
O1G G2P H . -13.98 13.48 -9.82
O2G G2P H . -16.05 13.52 -11.19
O3G G2P H . -15.85 14.99 -9.22
O3B G2P H . -16.13 12.49 -8.87
PB G2P H . -17.71 12.14 -8.78
O1B G2P H . -18.29 12.57 -7.45
O2B G2P H . -18.46 12.84 -9.90
C3A G2P H . -17.84 10.35 -8.99
PA G2P H . -17.77 9.77 -10.72
O1A G2P H . -16.57 8.87 -10.87
O2A G2P H . -17.63 10.96 -11.70
O5' G2P H . -19.11 8.92 -11.06
C5' G2P H . -20.34 9.62 -11.27
C4' G2P H . -21.45 8.69 -11.01
O4' G2P H . -21.04 7.30 -11.39
C3' G2P H . -21.72 8.61 -9.55
O3' G2P H . -22.71 9.56 -9.17
C2' G2P H . -22.20 7.23 -9.34
O2' G2P H . -23.64 7.17 -9.51
C1' G2P H . -21.54 6.42 -10.34
N9 G2P H . -20.45 5.68 -9.75
C8 G2P H . -19.14 5.90 -9.91
N7 G2P H . -18.44 5.01 -9.19
C5 G2P H . -19.34 4.18 -8.54
C6 G2P H . -19.18 3.08 -7.68
O6 G2P H . -18.07 2.70 -7.36
N1 G2P H . -20.28 2.47 -7.21
C2 G2P H . -21.49 2.91 -7.57
N2 G2P H . -22.63 2.24 -7.06
N3 G2P H . -21.66 3.94 -8.39
C4 G2P H . -20.59 4.61 -8.90
#